data_5O5R
#
_entry.id   5O5R
#
_cell.length_a   101.512
_cell.length_b   130.203
_cell.length_c   159.160
_cell.angle_alpha   90.00
_cell.angle_beta   90.00
_cell.angle_gamma   90.00
#
_symmetry.space_group_name_H-M   'I 2 2 2'
#
loop_
_entity.id
_entity.type
_entity.pdbx_description
1 polymer 'Glutamate carboxypeptidase 2'
2 branched 2-acetamido-2-deoxy-beta-D-glucopyranose-(1-4)-2-acetamido-2-deoxy-beta-D-glucopyranose
3 branched 2-acetamido-2-deoxy-beta-D-glucopyranose-(1-4)-[alpha-L-fucopyranose-(1-6)]2-acetamido-2-deoxy-beta-D-glucopyranose
4 branched beta-D-mannopyranose-(1-4)-2-acetamido-2-deoxy-beta-D-glucopyranose-(1-4)-2-acetamido-2-deoxy-beta-D-glucopyranose
5 branched alpha-D-mannopyranose-(1-3)-[alpha-D-mannopyranose-(1-6)]beta-D-mannopyranose-(1-4)-2-acetamido-2-deoxy-beta-D-glucopyranose-(1-4)-2-acetamido-2-deoxy-beta-D-glucopyranose
6 non-polymer '(2~{S})-2-[[(2~{S})-6-[[(2~{S})-2-[[4-[[[(2~{R})-2-[[(2~{R})-2-[(6-fluoranylpyridin-3-yl)carbonylamino]-5-oxidanyl-5-oxidanylidene-pentanoyl]amino]-5-oxidanyl-5-oxidanylidene-pentanoyl]amino]methyl]phenyl]carbonylamino]-3-naphthalen-2-yl-propanoyl]amino]-1-oxidanyl-1-oxidanylidene-hexan-2-yl]carbamoylamino]pentanedioic acid'
7 non-polymer 2-acetamido-2-deoxy-beta-D-glucopyranose
8 non-polymer 'ZINC ION'
9 non-polymer 'CALCIUM ION'
10 non-polymer 'CHLORIDE ION'
11 non-polymer DI(HYDROXYETHYL)ETHER
12 non-polymer 1,2-ETHANEDIOL
13 water water
#
_entity_poly.entity_id   1
_entity_poly.type   'polypeptide(L)'
_entity_poly.pdbx_seq_one_letter_code
;KSSNEATNITPKHNMKAFLDELKAENIKKFLYNFTQIPHLAGTEQNFQLAKQIQSQWKEFGLDSVELAHYDVLLSYPNKT
HPNYISIINEDGNEIFNTSLFEPPPPGYENVSDIVPPFSAFSPQGMPEGDLVYVNYARTEDFFKLERDMKINCSGKIVIA
RYGKVFRGNKVKNAQLAGAKGVILYSDPADYFAPGVKSYPDGWNLPGGGVQRGNILNLNGAGDPLTPGYPANEYAYRRGI
AEAVGLPSIPVHPIGYYDAQKLLEKMGGSAPPDSSWRGSLKVPYNVGPGFTGNFSTQKVKMHIHSTNEVTRIYNVIGTLR
GAVEPDRYVILGGHRDSWVFGGIDPQSGAAVVHEIVRSFGTLKKEGWRPRRTILFASWDAEEFGLLGSTEWAEENSRLLQ
ERGVAYINADSSIEGNYTLRVDCTPLMYSLVHNLTKELKSPDEGFEGKSLYESWTKKSPSPEFSGMPRISKLGSGNDFEV
FFQRLGIASGRARYTKNWETNKFSGYPLYHSVYETYELVEKFYDPMFKYHLTVAQVRGGMVFELANSIVLPFDCRDYAVV
LRKYADKIYSISMKHPQEMKTYSVSFDSLFSAVKNFTEIASKFSERLQDFDKSNPIVLRMMNDQLMFLERAFIDPLGLPD
RPFYRHVIYAPSSHNKYAGESFPGIYDALFDIESKVDPSKAWGEVKRQIYVAAFTVQAAAETLSEVA
;
_entity_poly.pdbx_strand_id   A
#
# COMPACT_ATOMS: atom_id res chain seq x y z
N LYS A 12 -24.27 27.81 8.78
CA LYS A 12 -24.68 26.38 8.77
C LYS A 12 -23.46 25.45 9.00
N HIS A 13 -23.70 24.32 9.65
CA HIS A 13 -22.71 23.24 9.72
C HIS A 13 -23.03 22.20 8.67
N ASN A 14 -22.39 22.36 7.52
CA ASN A 14 -22.54 21.46 6.40
C ASN A 14 -21.12 21.15 5.90
N MET A 15 -21.01 20.40 4.82
CA MET A 15 -19.68 20.07 4.32
C MET A 15 -18.86 21.32 3.97
N LYS A 16 -19.49 22.34 3.39
CA LYS A 16 -18.78 23.56 3.01
C LYS A 16 -18.11 24.22 4.21
N ALA A 17 -18.81 24.26 5.35
CA ALA A 17 -18.23 24.81 6.58
C ALA A 17 -16.98 24.02 6.98
N PHE A 18 -17.06 22.69 6.89
CA PHE A 18 -15.93 21.84 7.21
C PHE A 18 -14.76 22.13 6.26
N LEU A 19 -15.04 22.16 4.96
CA LEU A 19 -13.98 22.33 3.97
C LEU A 19 -13.33 23.70 4.04
N ASP A 20 -14.14 24.73 4.30
CA ASP A 20 -13.61 26.09 4.37
C ASP A 20 -12.71 26.32 5.56
N GLU A 21 -12.87 25.55 6.64
CA GLU A 21 -12.05 25.69 7.83
C GLU A 21 -10.62 25.14 7.62
N LEU A 22 -10.46 24.18 6.70
CA LEU A 22 -9.13 23.67 6.32
C LEU A 22 -8.21 24.74 5.73
N LYS A 23 -6.97 24.84 6.23
CA LYS A 23 -6.02 25.90 5.78
C LYS A 23 -4.68 25.30 5.37
N ALA A 24 -4.20 25.68 4.19
CA ALA A 24 -2.88 25.32 3.72
C ALA A 24 -1.80 25.66 4.71
N GLU A 25 -1.90 26.83 5.31
CA GLU A 25 -0.89 27.30 6.26
C GLU A 25 -0.80 26.43 7.50
N ASN A 26 -1.92 25.87 7.96
CA ASN A 26 -1.89 24.95 9.10
C ASN A 26 -1.22 23.65 8.74
N ILE A 27 -1.51 23.14 7.55
CA ILE A 27 -0.88 21.90 7.08
C ILE A 27 0.64 22.08 7.04
N LYS A 28 1.09 23.24 6.54
CA LYS A 28 2.52 23.55 6.44
C LYS A 28 3.17 23.54 7.83
N LYS A 29 2.55 24.24 8.78
CA LYS A 29 3.01 24.32 10.17
C LYS A 29 3.12 22.93 10.81
N PHE A 30 2.10 22.11 10.61
CA PHE A 30 2.14 20.75 11.13
C PHE A 30 3.22 19.90 10.49
N LEU A 31 3.39 20.02 9.16
CA LEU A 31 4.42 19.25 8.51
C LEU A 31 5.79 19.61 9.03
N TYR A 32 6.08 20.91 9.16
CA TYR A 32 7.34 21.33 9.78
C TYR A 32 7.52 20.71 11.16
N ASN A 33 6.45 20.76 11.97
CA ASN A 33 6.48 20.28 13.36
C ASN A 33 6.79 18.78 13.45
N PHE A 34 6.32 18.02 12.46
CA PHE A 34 6.42 16.56 12.46
C PHE A 34 7.70 16.03 11.85
N THR A 35 8.57 16.89 11.28
CA THR A 35 9.67 16.42 10.48
C THR A 35 11.05 16.94 10.89
N GLN A 36 11.18 17.46 12.11
CA GLN A 36 12.46 18.02 12.56
C GLN A 36 13.43 16.95 13.09
N ILE A 37 12.88 15.84 13.60
CA ILE A 37 13.70 14.72 14.08
C ILE A 37 13.13 13.43 13.54
N PRO A 38 13.94 12.35 13.55
CA PRO A 38 13.40 11.04 13.10
C PRO A 38 12.31 10.52 14.01
N HIS A 39 11.34 9.80 13.46
CA HIS A 39 10.29 9.15 14.25
C HIS A 39 10.19 7.67 13.91
N LEU A 40 11.30 6.95 14.06
CA LEU A 40 11.34 5.50 13.78
C LEU A 40 10.45 4.73 14.76
N ALA A 41 9.68 3.77 14.24
CA ALA A 41 8.86 2.93 15.09
C ALA A 41 9.68 2.29 16.20
N GLY A 42 9.11 2.28 17.39
CA GLY A 42 9.69 1.69 18.57
C GLY A 42 10.68 2.57 19.28
N THR A 43 10.94 3.79 18.78
CA THR A 43 11.91 4.69 19.43
C THR A 43 11.20 5.69 20.35
N GLU A 44 11.97 6.27 21.29
CA GLU A 44 11.41 7.23 22.23
C GLU A 44 10.79 8.45 21.51
N GLN A 45 11.40 8.89 20.42
N GLN A 45 11.51 8.91 20.48
CA GLN A 45 10.95 10.08 19.77
CA GLN A 45 11.13 10.04 19.63
C GLN A 45 9.57 9.88 19.13
C GLN A 45 9.74 9.84 19.02
N ASN A 46 9.32 8.67 18.63
N ASN A 46 9.43 8.60 18.66
CA ASN A 46 8.00 8.37 18.07
CA ASN A 46 8.13 8.27 18.09
C ASN A 46 6.92 8.17 19.16
C ASN A 46 7.00 8.23 19.15
N PHE A 47 7.31 7.73 20.35
CA PHE A 47 6.40 7.73 21.49
C PHE A 47 6.07 9.16 21.92
N GLN A 48 7.09 10.04 21.99
N GLN A 48 7.10 10.01 21.98
CA GLN A 48 6.81 11.43 22.32
CA GLN A 48 6.92 11.42 22.28
C GLN A 48 5.88 12.10 21.31
C GLN A 48 5.96 12.13 21.31
N LEU A 49 6.05 11.81 20.02
CA LEU A 49 5.15 12.39 19.01
C LEU A 49 3.75 11.83 19.21
N ALA A 50 3.63 10.53 19.46
CA ALA A 50 2.29 9.99 19.82
C ALA A 50 1.59 10.76 20.94
N LYS A 51 2.31 10.99 22.02
N LYS A 51 2.32 11.00 22.03
CA LYS A 51 1.77 11.75 23.16
CA LYS A 51 1.79 11.76 23.15
C LYS A 51 1.38 13.18 22.75
C LYS A 51 1.40 13.19 22.77
N GLN A 52 2.21 13.82 21.92
CA GLN A 52 1.86 15.18 21.42
C GLN A 52 0.56 15.15 20.61
N ILE A 53 0.45 14.17 19.72
CA ILE A 53 -0.74 14.08 18.88
C ILE A 53 -1.96 13.81 19.75
N GLN A 54 -1.83 12.91 20.72
CA GLN A 54 -2.92 12.63 21.64
C GLN A 54 -3.36 13.92 22.33
N SER A 55 -2.40 14.67 22.84
CA SER A 55 -2.74 15.88 23.56
C SER A 55 -3.45 16.90 22.65
N GLN A 56 -2.92 17.07 21.44
CA GLN A 56 -3.50 18.04 20.50
C GLN A 56 -4.88 17.63 20.00
N TRP A 57 -5.09 16.35 19.72
CA TRP A 57 -6.42 15.90 19.34
C TRP A 57 -7.47 16.14 20.41
N LYS A 58 -7.08 15.97 21.68
CA LYS A 58 -7.96 16.33 22.81
C LYS A 58 -8.27 17.82 22.80
N GLU A 59 -7.22 18.65 22.65
N GLU A 59 -7.25 18.66 22.64
CA GLU A 59 -7.38 20.14 22.59
CA GLU A 59 -7.48 20.11 22.63
C GLU A 59 -8.32 20.52 21.41
C GLU A 59 -8.24 20.59 21.37
N PHE A 60 -8.14 19.83 20.28
CA PHE A 60 -8.92 20.12 19.08
C PHE A 60 -10.40 19.81 19.23
N GLY A 61 -10.74 18.96 20.21
CA GLY A 61 -12.13 18.75 20.63
C GLY A 61 -12.68 17.34 20.52
N LEU A 62 -11.84 16.33 20.26
CA LEU A 62 -12.35 14.96 20.18
C LEU A 62 -12.89 14.52 21.55
N ASP A 63 -13.89 13.65 21.52
CA ASP A 63 -14.50 13.17 22.75
C ASP A 63 -13.57 12.30 23.61
N SER A 64 -12.78 11.46 22.97
CA SER A 64 -11.79 10.68 23.67
C SER A 64 -10.60 10.47 22.74
N VAL A 65 -9.42 10.39 23.34
CA VAL A 65 -8.22 10.10 22.59
C VAL A 65 -7.30 9.23 23.46
N GLU A 66 -7.08 7.99 23.03
CA GLU A 66 -6.32 7.01 23.79
C GLU A 66 -5.14 6.48 22.97
N LEU A 67 -4.13 5.97 23.68
CA LEU A 67 -3.07 5.23 23.04
C LEU A 67 -3.43 3.76 23.15
N ALA A 68 -3.23 3.03 22.06
CA ALA A 68 -3.39 1.58 22.05
C ALA A 68 -2.02 1.06 21.73
N HIS A 69 -1.41 0.34 22.67
CA HIS A 69 -0.03 -0.17 22.49
C HIS A 69 -0.03 -1.68 22.28
N TYR A 70 1.02 -2.14 21.60
CA TYR A 70 1.25 -3.57 21.30
C TYR A 70 2.74 -3.79 21.36
N ASP A 71 3.15 -5.03 21.59
CA ASP A 71 4.59 -5.39 21.60
C ASP A 71 4.85 -6.34 20.45
N VAL A 72 5.47 -5.80 19.41
CA VAL A 72 5.62 -6.48 18.11
C VAL A 72 7.05 -6.67 17.72
N LEU A 73 7.29 -7.60 16.79
CA LEU A 73 8.65 -7.79 16.31
C LEU A 73 9.07 -6.66 15.37
N LEU A 74 10.13 -5.94 15.75
CA LEU A 74 10.77 -4.90 14.91
C LEU A 74 12.19 -5.33 14.59
N SER A 75 12.92 -4.52 13.81
CA SER A 75 14.25 -4.89 13.33
C SER A 75 15.08 -3.64 13.25
N TYR A 76 16.31 -3.69 13.78
CA TYR A 76 17.22 -2.56 13.77
C TYR A 76 18.65 -2.98 13.49
N PRO A 77 19.42 -2.10 12.83
CA PRO A 77 20.85 -2.39 12.76
C PRO A 77 21.52 -2.39 14.10
N ASN A 78 22.71 -3.00 14.15
CA ASN A 78 23.50 -2.96 15.37
C ASN A 78 24.37 -1.69 15.30
N LYS A 79 24.21 -0.80 16.28
CA LYS A 79 24.92 0.50 16.32
C LYS A 79 26.44 0.37 16.39
N THR A 80 26.94 -0.68 17.01
CA THR A 80 28.38 -0.88 17.13
C THR A 80 28.96 -1.97 16.20
N HIS A 81 28.15 -2.49 15.28
CA HIS A 81 28.59 -3.51 14.36
C HIS A 81 27.86 -3.29 13.03
N PRO A 82 28.31 -2.28 12.26
CA PRO A 82 27.53 -1.81 11.11
C PRO A 82 27.44 -2.79 9.94
N ASN A 83 26.34 -2.69 9.21
CA ASN A 83 26.11 -3.47 8.01
C ASN A 83 26.83 -2.84 6.83
N TYR A 84 27.45 -3.68 6.00
CA TYR A 84 28.09 -3.23 4.77
C TYR A 84 28.36 -4.43 3.88
N ILE A 85 28.71 -4.12 2.63
CA ILE A 85 29.05 -5.10 1.62
C ILE A 85 30.46 -4.83 1.12
N SER A 86 31.21 -5.89 0.86
CA SER A 86 32.57 -5.76 0.30
C SER A 86 32.78 -6.51 -1.00
N ILE A 87 33.74 -6.03 -1.79
N ILE A 87 33.73 -6.00 -1.78
CA ILE A 87 34.40 -6.88 -2.77
CA ILE A 87 34.45 -6.79 -2.77
C ILE A 87 35.67 -7.34 -2.06
C ILE A 87 35.67 -7.30 -2.02
N ILE A 88 35.85 -8.64 -2.01
N ILE A 88 35.96 -8.59 -2.15
CA ILE A 88 37.04 -9.24 -1.40
CA ILE A 88 37.04 -9.18 -1.38
C ILE A 88 37.91 -9.86 -2.48
C ILE A 88 37.90 -10.08 -2.28
N ASN A 89 39.22 -9.84 -2.29
CA ASN A 89 40.15 -10.56 -3.19
C ASN A 89 40.45 -11.96 -2.68
N GLU A 90 41.16 -12.76 -3.48
CA GLU A 90 41.47 -14.16 -3.10
C GLU A 90 42.24 -14.32 -1.79
N ASP A 91 42.98 -13.29 -1.38
CA ASP A 91 43.65 -13.26 -0.07
C ASP A 91 42.70 -13.02 1.13
N GLY A 92 41.48 -12.56 0.88
CA GLY A 92 40.57 -12.18 1.95
C GLY A 92 40.52 -10.69 2.28
N ASN A 93 41.28 -9.86 1.54
CA ASN A 93 41.31 -8.40 1.76
C ASN A 93 40.06 -7.74 1.16
N GLU A 94 39.39 -6.91 1.96
CA GLU A 94 38.22 -6.15 1.51
C GLU A 94 38.70 -4.89 0.77
N ILE A 95 38.72 -4.97 -0.56
CA ILE A 95 39.25 -3.90 -1.42
C ILE A 95 38.25 -2.78 -1.77
N PHE A 96 36.98 -3.03 -1.51
CA PHE A 96 35.94 -2.02 -1.67
C PHE A 96 34.86 -2.28 -0.64
N ASN A 97 34.43 -1.22 0.06
CA ASN A 97 33.34 -1.28 1.02
C ASN A 97 32.23 -0.30 0.67
N THR A 98 30.98 -0.74 0.79
CA THR A 98 29.85 0.17 0.60
C THR A 98 29.76 1.13 1.79
N SER A 99 29.00 2.21 1.63
CA SER A 99 28.93 3.27 2.67
C SER A 99 28.24 2.77 3.95
N LEU A 100 28.61 3.37 5.08
CA LEU A 100 27.95 3.08 6.36
C LEU A 100 26.75 3.96 6.64
N PHE A 101 26.55 5.03 5.86
CA PHE A 101 25.46 5.98 6.11
C PHE A 101 25.29 6.85 4.87
N GLU A 102 24.12 7.44 4.68
CA GLU A 102 23.89 8.44 3.63
C GLU A 102 24.46 9.78 4.10
N PRO A 103 25.18 10.49 3.21
CA PRO A 103 25.63 11.83 3.63
C PRO A 103 24.43 12.70 4.02
N PRO A 104 24.41 13.22 5.25
CA PRO A 104 23.20 13.91 5.69
C PRO A 104 22.99 15.23 4.93
N PRO A 105 21.71 15.64 4.76
CA PRO A 105 21.44 16.87 4.05
C PRO A 105 21.83 18.15 4.81
N PRO A 106 21.92 19.28 4.09
CA PRO A 106 22.37 20.53 4.72
C PRO A 106 21.58 20.91 5.97
N GLY A 107 22.30 21.20 7.06
CA GLY A 107 21.66 21.59 8.32
C GLY A 107 21.19 20.45 9.22
N TYR A 108 21.30 19.21 8.74
CA TYR A 108 20.94 18.00 9.49
C TYR A 108 22.16 17.11 9.75
N GLU A 109 23.36 17.61 9.48
CA GLU A 109 24.57 16.79 9.62
C GLU A 109 24.90 16.47 11.10
N ASN A 110 24.25 17.18 12.04
CA ASN A 110 24.38 16.92 13.49
C ASN A 110 23.14 16.28 14.13
N VAL A 111 22.13 15.97 13.34
CA VAL A 111 20.96 15.29 13.86
C VAL A 111 21.36 13.87 14.27
N SER A 112 20.98 13.52 15.50
N SER A 112 20.98 13.51 15.49
CA SER A 112 21.24 12.21 16.07
CA SER A 112 21.28 12.19 16.03
C SER A 112 20.14 11.21 15.67
C SER A 112 20.18 11.21 15.64
N ASP A 113 20.51 9.93 15.73
CA ASP A 113 19.56 8.85 15.60
C ASP A 113 18.92 8.73 14.21
N ILE A 114 19.67 9.08 13.19
CA ILE A 114 19.29 8.70 11.84
C ILE A 114 19.67 7.23 11.62
N VAL A 115 18.67 6.39 11.41
CA VAL A 115 18.96 4.98 11.23
C VAL A 115 19.69 4.80 9.89
N PRO A 116 20.85 4.11 9.89
CA PRO A 116 21.49 3.92 8.59
C PRO A 116 20.67 3.03 7.67
N PRO A 117 20.94 3.08 6.36
CA PRO A 117 20.19 2.23 5.44
C PRO A 117 20.34 0.76 5.79
N PHE A 118 19.21 0.05 5.80
CA PHE A 118 19.19 -1.37 6.04
C PHE A 118 17.87 -1.90 5.55
N SER A 119 17.81 -3.22 5.38
CA SER A 119 16.59 -3.91 4.98
C SER A 119 15.99 -4.53 6.23
N ALA A 120 14.85 -4.00 6.69
CA ALA A 120 14.32 -4.47 7.95
C ALA A 120 13.88 -5.91 7.85
N PHE A 121 14.28 -6.67 8.86
CA PHE A 121 14.00 -8.09 9.07
C PHE A 121 14.95 -9.03 8.34
N SER A 122 15.98 -8.49 7.71
CA SER A 122 17.07 -9.34 7.25
C SER A 122 17.63 -10.20 8.39
N PRO A 123 17.88 -11.48 8.10
CA PRO A 123 18.66 -12.24 9.07
C PRO A 123 20.11 -11.80 9.05
N GLN A 124 20.85 -12.22 10.07
CA GLN A 124 22.28 -12.00 10.14
C GLN A 124 23.02 -12.98 9.26
N GLY A 125 24.19 -12.56 8.78
CA GLY A 125 25.04 -13.46 8.01
C GLY A 125 26.19 -12.70 7.38
N MET A 126 27.19 -13.46 6.95
CA MET A 126 28.30 -12.92 6.21
C MET A 126 28.59 -13.76 4.97
N PRO A 127 27.57 -13.99 4.13
CA PRO A 127 27.73 -14.78 2.93
C PRO A 127 28.69 -14.14 1.94
N GLU A 128 29.45 -15.00 1.27
CA GLU A 128 30.48 -14.62 0.34
C GLU A 128 30.27 -15.43 -0.93
N GLY A 129 30.23 -14.76 -2.09
CA GLY A 129 30.00 -15.47 -3.34
C GLY A 129 30.11 -14.63 -4.61
N ASP A 130 29.65 -15.22 -5.71
CA ASP A 130 29.65 -14.57 -7.01
C ASP A 130 28.32 -13.90 -7.20
N LEU A 131 28.34 -12.73 -7.81
CA LEU A 131 27.12 -11.98 -8.12
C LEU A 131 26.40 -12.48 -9.34
N VAL A 132 25.07 -12.48 -9.27
CA VAL A 132 24.23 -12.57 -10.45
C VAL A 132 23.31 -11.34 -10.45
N TYR A 133 23.24 -10.64 -11.57
CA TYR A 133 22.35 -9.49 -11.75
C TYR A 133 21.01 -9.95 -12.32
N VAL A 134 19.94 -9.64 -11.59
CA VAL A 134 18.61 -10.21 -11.87
C VAL A 134 17.56 -9.16 -12.28
N ASN A 135 18.02 -8.02 -12.82
CA ASN A 135 17.13 -6.94 -13.20
C ASN A 135 16.30 -6.47 -12.00
N TYR A 136 14.97 -6.43 -12.11
CA TYR A 136 14.11 -6.05 -11.00
C TYR A 136 13.72 -7.19 -10.06
N ALA A 137 14.27 -8.38 -10.27
CA ALA A 137 13.99 -9.56 -9.46
C ALA A 137 12.52 -9.90 -9.46
N ARG A 138 11.85 -9.62 -10.56
CA ARG A 138 10.45 -10.00 -10.72
C ARG A 138 10.35 -11.48 -11.11
N THR A 139 9.16 -12.02 -10.97
CA THR A 139 8.92 -13.40 -11.34
C THR A 139 9.38 -13.64 -12.78
N GLU A 140 9.02 -12.73 -13.68
CA GLU A 140 9.39 -12.89 -15.10
C GLU A 140 10.89 -12.71 -15.35
N ASP A 141 11.57 -11.94 -14.50
CA ASP A 141 13.03 -11.82 -14.62
C ASP A 141 13.71 -13.15 -14.30
N PHE A 142 13.23 -13.82 -13.22
CA PHE A 142 13.74 -15.12 -12.84
C PHE A 142 13.37 -16.20 -13.86
N PHE A 143 12.17 -16.13 -14.44
CA PHE A 143 11.83 -17.02 -15.58
C PHE A 143 12.86 -16.88 -16.71
N LYS A 144 13.17 -15.65 -17.10
CA LYS A 144 14.12 -15.38 -18.19
C LYS A 144 15.51 -15.96 -17.88
N LEU A 145 16.00 -15.75 -16.66
N LEU A 145 15.96 -15.75 -16.64
CA LEU A 145 17.30 -16.27 -16.24
CA LEU A 145 17.27 -16.17 -16.20
C LEU A 145 17.32 -17.79 -16.29
C LEU A 145 17.39 -17.69 -16.13
N GLU A 146 16.36 -18.41 -15.60
N GLU A 146 16.37 -18.34 -15.59
CA GLU A 146 16.37 -19.85 -15.38
CA GLU A 146 16.36 -19.79 -15.41
C GLU A 146 15.93 -20.62 -16.62
C GLU A 146 16.01 -20.52 -16.70
N ARG A 147 14.86 -20.18 -17.27
CA ARG A 147 14.27 -20.92 -18.40
C ARG A 147 14.89 -20.62 -19.75
N ASP A 148 15.14 -19.35 -20.04
CA ASP A 148 15.69 -18.94 -21.34
C ASP A 148 17.21 -18.88 -21.31
N MET A 149 17.80 -18.20 -20.33
CA MET A 149 19.26 -18.03 -20.30
C MET A 149 20.01 -19.17 -19.61
N LYS A 150 19.31 -20.06 -18.91
CA LYS A 150 19.90 -21.21 -18.20
C LYS A 150 20.94 -20.82 -17.14
N ILE A 151 20.71 -19.70 -16.46
N ILE A 151 20.70 -19.68 -16.48
CA ILE A 151 21.61 -19.26 -15.40
CA ILE A 151 21.54 -19.21 -15.39
C ILE A 151 21.00 -19.67 -14.08
C ILE A 151 20.95 -19.76 -14.10
N ASN A 152 21.82 -20.32 -13.25
CA ASN A 152 21.38 -20.89 -11.98
C ASN A 152 21.83 -19.91 -10.87
N CYS A 153 20.87 -19.37 -10.10
CA CYS A 153 21.17 -18.47 -8.97
C CYS A 153 21.50 -19.21 -7.67
N SER A 154 21.42 -20.54 -7.67
CA SER A 154 21.66 -21.31 -6.46
C SER A 154 23.04 -21.04 -5.89
N GLY A 155 23.09 -20.60 -4.63
CA GLY A 155 24.35 -20.30 -3.96
C GLY A 155 25.04 -19.03 -4.43
N LYS A 156 24.36 -18.19 -5.22
CA LYS A 156 24.91 -16.93 -5.68
C LYS A 156 24.35 -15.77 -4.85
N ILE A 157 25.06 -14.66 -4.83
CA ILE A 157 24.51 -13.42 -4.27
C ILE A 157 23.85 -12.69 -5.43
N VAL A 158 22.57 -12.37 -5.31
N VAL A 158 22.59 -12.31 -5.24
CA VAL A 158 21.90 -11.67 -6.38
CA VAL A 158 21.77 -11.69 -6.28
C VAL A 158 21.91 -10.17 -6.11
C VAL A 158 21.73 -10.16 -6.13
N ILE A 159 22.08 -9.42 -7.18
CA ILE A 159 21.95 -7.95 -7.15
C ILE A 159 20.79 -7.54 -8.04
N ALA A 160 19.86 -6.78 -7.46
CA ALA A 160 18.64 -6.42 -8.12
C ALA A 160 18.43 -4.94 -7.98
N ARG A 161 17.88 -4.34 -9.03
CA ARG A 161 17.47 -2.98 -8.93
C ARG A 161 16.07 -2.85 -8.34
N TYR A 162 15.92 -1.85 -7.48
CA TYR A 162 14.63 -1.49 -6.93
C TYR A 162 13.72 -1.02 -8.04
N GLY A 163 12.42 -1.12 -7.84
CA GLY A 163 11.43 -0.62 -8.77
C GLY A 163 10.48 -1.69 -9.24
N LYS A 164 9.38 -1.26 -9.82
CA LYS A 164 8.35 -2.13 -10.47
C LYS A 164 7.48 -2.96 -9.56
N VAL A 165 8.07 -3.55 -8.53
CA VAL A 165 7.34 -4.36 -7.57
C VAL A 165 7.87 -4.12 -6.17
N PHE A 166 7.05 -4.48 -5.20
CA PHE A 166 7.41 -4.40 -3.77
C PHE A 166 8.68 -5.19 -3.50
N ARG A 167 9.59 -4.59 -2.73
CA ARG A 167 10.89 -5.23 -2.53
C ARG A 167 10.82 -6.59 -1.85
N GLY A 168 9.80 -6.82 -1.03
CA GLY A 168 9.57 -8.10 -0.39
C GLY A 168 9.38 -9.23 -1.39
N ASN A 169 8.68 -8.93 -2.49
CA ASN A 169 8.52 -9.90 -3.55
C ASN A 169 9.83 -10.27 -4.23
N LYS A 170 10.72 -9.28 -4.39
CA LYS A 170 12.03 -9.50 -4.96
C LYS A 170 12.81 -10.51 -4.11
N VAL A 171 12.75 -10.32 -2.78
CA VAL A 171 13.47 -11.17 -1.86
C VAL A 171 12.89 -12.61 -1.88
N LYS A 172 11.57 -12.73 -1.87
N LYS A 172 11.58 -12.72 -1.89
CA LYS A 172 10.94 -14.04 -1.97
CA LYS A 172 10.92 -14.03 -1.97
C LYS A 172 11.41 -14.75 -3.23
C LYS A 172 11.31 -14.77 -3.25
N ASN A 173 11.38 -14.03 -4.35
CA ASN A 173 11.76 -14.61 -5.64
C ASN A 173 13.22 -15.06 -5.65
N ALA A 174 14.09 -14.25 -5.04
CA ALA A 174 15.52 -14.59 -5.00
C ALA A 174 15.74 -15.82 -4.12
N GLN A 175 15.03 -15.87 -2.99
N GLN A 175 15.04 -15.88 -2.98
CA GLN A 175 15.14 -16.97 -2.05
CA GLN A 175 15.14 -17.03 -2.08
C GLN A 175 14.69 -18.29 -2.73
C GLN A 175 14.72 -18.31 -2.78
N LEU A 176 13.58 -18.26 -3.46
CA LEU A 176 13.09 -19.45 -4.19
C LEU A 176 13.97 -19.87 -5.36
N ALA A 177 14.74 -18.94 -5.91
CA ALA A 177 15.77 -19.26 -6.89
C ALA A 177 17.07 -19.80 -6.27
N GLY A 178 17.18 -19.82 -4.94
CA GLY A 178 18.31 -20.44 -4.24
C GLY A 178 19.45 -19.48 -3.94
N ALA A 179 19.20 -18.17 -4.07
CA ALA A 179 20.20 -17.16 -3.75
C ALA A 179 20.61 -17.28 -2.28
N LYS A 180 21.85 -16.91 -1.98
CA LYS A 180 22.28 -16.89 -0.59
C LYS A 180 22.38 -15.47 0.00
N GLY A 181 22.06 -14.48 -0.80
CA GLY A 181 21.92 -13.11 -0.33
C GLY A 181 21.39 -12.23 -1.42
N VAL A 182 20.86 -11.06 -1.02
CA VAL A 182 20.32 -10.12 -1.98
C VAL A 182 20.86 -8.72 -1.70
N ILE A 183 21.33 -8.08 -2.76
CA ILE A 183 21.71 -6.66 -2.73
C ILE A 183 20.69 -5.88 -3.58
N LEU A 184 20.02 -4.92 -2.95
CA LEU A 184 19.06 -4.05 -3.62
C LEU A 184 19.71 -2.69 -3.86
N TYR A 185 19.52 -2.12 -5.05
CA TYR A 185 20.08 -0.78 -5.31
C TYR A 185 19.12 0.07 -6.13
N SER A 186 19.31 1.38 -6.04
CA SER A 186 18.50 2.35 -6.79
C SER A 186 19.23 2.77 -8.05
N ASP A 187 18.74 2.33 -9.20
CA ASP A 187 19.34 2.72 -10.47
C ASP A 187 18.84 4.10 -10.88
N PRO A 188 19.72 4.96 -11.42
CA PRO A 188 19.22 6.24 -11.91
C PRO A 188 18.15 6.12 -12.99
N ALA A 189 18.13 5.02 -13.74
CA ALA A 189 17.05 4.83 -14.70
C ALA A 189 15.66 4.92 -14.03
N ASP A 190 15.58 4.49 -12.78
CA ASP A 190 14.32 4.42 -12.03
C ASP A 190 14.16 5.50 -10.98
N TYR A 191 15.24 6.14 -10.56
CA TYR A 191 15.18 7.12 -9.45
C TYR A 191 15.92 8.42 -9.75
N PHE A 192 16.16 8.71 -11.04
CA PHE A 192 16.79 9.98 -11.42
C PHE A 192 16.09 10.48 -12.66
N ALA A 193 15.17 11.41 -12.47
CA ALA A 193 14.41 12.00 -13.56
C ALA A 193 15.29 12.92 -14.41
N PRO A 194 15.34 12.69 -15.74
CA PRO A 194 16.20 13.55 -16.56
C PRO A 194 15.88 15.04 -16.42
N GLY A 195 16.93 15.87 -16.42
CA GLY A 195 16.81 17.32 -16.34
C GLY A 195 16.55 17.94 -14.96
N VAL A 196 16.54 17.12 -13.92
CA VAL A 196 16.26 17.55 -12.57
C VAL A 196 17.54 17.33 -11.76
N LYS A 197 17.81 18.25 -10.83
CA LYS A 197 19.00 18.15 -9.97
C LYS A 197 18.79 17.23 -8.76
N SER A 198 19.89 16.61 -8.32
CA SER A 198 19.96 15.86 -7.07
C SER A 198 19.70 16.75 -5.87
N TYR A 199 19.09 16.16 -4.84
CA TYR A 199 18.91 16.85 -3.57
C TYR A 199 20.28 17.28 -3.03
N PRO A 200 20.45 18.49 -2.50
CA PRO A 200 19.40 19.45 -2.12
C PRO A 200 18.97 20.48 -3.18
N ASP A 201 19.49 20.37 -4.40
CA ASP A 201 19.23 21.36 -5.45
C ASP A 201 18.05 21.00 -6.32
N GLY A 202 17.53 19.79 -6.17
CA GLY A 202 16.27 19.40 -6.78
C GLY A 202 15.77 18.17 -6.08
N TRP A 203 14.87 17.42 -6.74
CA TRP A 203 14.16 16.32 -6.07
C TRP A 203 14.67 14.92 -6.45
N ASN A 204 15.82 14.86 -7.13
CA ASN A 204 16.42 13.59 -7.55
C ASN A 204 17.25 12.96 -6.46
N LEU A 205 17.45 11.65 -6.59
CA LEU A 205 18.26 10.86 -5.68
C LEU A 205 19.72 11.03 -5.99
N PRO A 206 20.54 11.44 -5.01
CA PRO A 206 21.98 11.44 -5.24
C PRO A 206 22.58 10.04 -5.18
N GLY A 207 23.81 9.93 -5.66
CA GLY A 207 24.50 8.64 -5.73
C GLY A 207 24.74 7.94 -4.40
N GLY A 208 24.79 8.72 -3.32
CA GLY A 208 24.90 8.24 -1.95
C GLY A 208 23.58 7.99 -1.23
N GLY A 209 22.48 8.32 -1.87
CA GLY A 209 21.14 8.10 -1.30
C GLY A 209 20.75 6.64 -1.39
N VAL A 210 20.00 6.19 -0.39
N VAL A 210 20.00 6.17 -0.41
CA VAL A 210 19.62 4.78 -0.23
CA VAL A 210 19.57 4.77 -0.44
C VAL A 210 18.16 4.70 0.25
C VAL A 210 18.26 4.55 0.32
N GLN A 211 17.42 3.76 -0.33
CA GLN A 211 16.04 3.49 0.06
C GLN A 211 15.99 2.42 1.14
N ARG A 212 15.53 2.79 2.34
CA ARG A 212 15.21 1.83 3.41
C ARG A 212 13.91 1.11 3.09
N GLY A 213 13.64 0.03 3.81
CA GLY A 213 12.32 -0.59 3.72
C GLY A 213 12.31 -2.04 4.12
N ASN A 214 11.19 -2.49 4.66
CA ASN A 214 11.12 -3.89 5.10
C ASN A 214 11.03 -4.83 3.91
N ILE A 215 11.46 -6.07 4.12
CA ILE A 215 11.47 -7.11 3.11
C ILE A 215 10.66 -8.36 3.53
N LEU A 216 9.62 -8.13 4.33
CA LEU A 216 8.74 -9.21 4.78
C LEU A 216 7.80 -9.66 3.67
N ASN A 217 7.30 -10.88 3.82
CA ASN A 217 6.18 -11.39 3.03
C ASN A 217 5.08 -11.84 3.97
N LEU A 218 4.40 -10.89 4.58
CA LEU A 218 3.44 -11.20 5.63
C LEU A 218 2.10 -11.66 5.12
N ASN A 219 1.74 -11.27 3.88
CA ASN A 219 0.41 -11.62 3.34
C ASN A 219 -0.76 -11.25 4.27
N GLY A 220 -0.67 -10.08 4.89
CA GLY A 220 -1.72 -9.60 5.76
C GLY A 220 -1.67 -10.00 7.23
N ALA A 221 -0.63 -10.71 7.65
CA ALA A 221 -0.60 -11.31 9.00
C ALA A 221 -0.42 -10.31 10.14
N GLY A 222 0.19 -9.17 9.88
CA GLY A 222 0.58 -8.26 10.96
C GLY A 222 1.85 -8.71 11.65
N ASP A 223 1.95 -8.48 12.95
CA ASP A 223 3.12 -8.88 13.72
C ASP A 223 3.49 -10.33 13.41
N PRO A 224 4.73 -10.55 12.96
CA PRO A 224 5.16 -11.89 12.60
C PRO A 224 4.93 -12.98 13.69
N LEU A 225 4.92 -12.61 14.96
CA LEU A 225 4.82 -13.56 16.05
C LEU A 225 3.42 -13.88 16.55
N THR A 226 2.40 -13.11 16.12
CA THR A 226 1.05 -13.26 16.70
C THR A 226 -0.06 -13.26 15.63
N PRO A 227 0.10 -14.02 14.55
CA PRO A 227 -0.94 -13.96 13.50
C PRO A 227 -2.31 -14.36 14.00
N GLY A 228 -3.30 -13.50 13.74
CA GLY A 228 -4.68 -13.72 14.14
C GLY A 228 -5.15 -13.01 15.38
N TYR A 229 -4.20 -12.58 16.23
CA TYR A 229 -4.55 -12.11 17.58
C TYR A 229 -3.68 -10.90 17.92
N PRO A 230 -4.22 -9.97 18.72
CA PRO A 230 -3.38 -8.80 19.02
C PRO A 230 -2.20 -9.12 19.92
N ALA A 231 -1.09 -8.43 19.68
CA ALA A 231 0.14 -8.57 20.44
C ALA A 231 0.06 -7.76 21.76
N ASN A 232 -0.87 -8.18 22.59
CA ASN A 232 -1.13 -7.58 23.90
C ASN A 232 -0.19 -8.11 24.98
N GLU A 233 -0.44 -7.76 26.25
N GLU A 233 -0.46 -7.72 26.24
CA GLU A 233 0.54 -8.06 27.31
CA GLU A 233 0.40 -8.04 27.38
C GLU A 233 0.55 -9.52 27.76
C GLU A 233 0.62 -9.53 27.54
N TYR A 234 -0.46 -10.29 27.36
CA TYR A 234 -0.45 -11.74 27.66
C TYR A 234 -0.36 -12.62 26.44
N ALA A 235 0.02 -12.04 25.29
CA ALA A 235 0.03 -12.79 24.06
C ALA A 235 1.05 -13.91 24.10
N TYR A 236 0.66 -15.05 23.56
N TYR A 236 0.65 -15.01 23.44
CA TYR A 236 1.58 -16.17 23.40
CA TYR A 236 1.52 -16.07 22.96
C TYR A 236 2.16 -16.06 22.01
C TYR A 236 2.22 -15.61 21.71
N ARG A 237 3.48 -15.95 21.93
N ARG A 237 3.52 -15.80 21.72
CA ARG A 237 4.17 -15.66 20.70
CA ARG A 237 4.34 -15.47 20.60
C ARG A 237 4.77 -16.91 20.09
C ARG A 237 4.95 -16.73 20.06
N ARG A 238 4.76 -16.95 18.77
CA ARG A 238 5.55 -17.92 18.03
C ARG A 238 7.04 -17.70 18.28
N GLY A 239 7.79 -18.81 18.21
CA GLY A 239 9.24 -18.75 18.13
C GLY A 239 9.61 -18.18 16.77
N ILE A 240 10.81 -17.60 16.70
N ILE A 240 10.79 -17.55 16.69
CA ILE A 240 11.32 -16.98 15.50
CA ILE A 240 11.28 -16.97 15.43
C ILE A 240 11.30 -17.93 14.30
C ILE A 240 11.21 -17.96 14.28
N ALA A 241 11.59 -19.21 14.51
CA ALA A 241 11.56 -20.21 13.43
C ALA A 241 10.18 -20.45 12.82
N GLU A 242 9.10 -20.18 13.56
CA GLU A 242 7.72 -20.30 13.06
C GLU A 242 7.07 -18.92 12.75
N ALA A 243 7.83 -17.83 12.85
CA ALA A 243 7.29 -16.51 12.56
C ALA A 243 6.83 -16.41 11.11
N VAL A 244 5.90 -15.50 10.89
CA VAL A 244 5.35 -15.31 9.55
C VAL A 244 6.20 -14.34 8.77
N GLY A 245 6.61 -14.75 7.59
CA GLY A 245 7.08 -13.80 6.61
C GLY A 245 8.53 -13.36 6.60
N LEU A 246 9.35 -13.91 7.49
CA LEU A 246 10.73 -13.49 7.59
C LEU A 246 11.57 -14.07 6.44
N PRO A 247 12.48 -13.27 5.92
CA PRO A 247 13.38 -13.78 4.89
C PRO A 247 14.42 -14.72 5.50
N SER A 248 14.90 -15.63 4.67
N SER A 248 14.89 -15.65 4.69
CA SER A 248 15.86 -16.64 5.09
CA SER A 248 15.89 -16.62 5.13
C SER A 248 17.30 -16.30 4.72
C SER A 248 17.28 -16.39 4.57
N ILE A 249 17.50 -15.25 3.91
CA ILE A 249 18.82 -14.88 3.41
C ILE A 249 19.06 -13.41 3.70
N PRO A 250 20.33 -13.01 3.94
CA PRO A 250 20.60 -11.59 4.20
C PRO A 250 20.36 -10.69 3.01
N VAL A 251 19.93 -9.45 3.30
CA VAL A 251 19.56 -8.48 2.28
C VAL A 251 20.03 -7.10 2.78
N HIS A 252 20.48 -6.27 1.84
CA HIS A 252 20.95 -4.95 2.17
C HIS A 252 20.79 -4.03 0.97
N PRO A 253 20.38 -2.77 1.22
CA PRO A 253 20.21 -1.81 0.14
C PRO A 253 21.40 -0.83 0.04
N ILE A 254 21.71 -0.46 -1.19
CA ILE A 254 22.78 0.49 -1.52
C ILE A 254 22.36 1.53 -2.57
N GLY A 255 23.15 2.59 -2.65
CA GLY A 255 22.98 3.63 -3.63
C GLY A 255 23.70 3.33 -4.92
N TYR A 256 23.52 4.19 -5.91
CA TYR A 256 24.07 3.89 -7.23
C TYR A 256 25.56 4.18 -7.38
N TYR A 257 26.16 5.05 -6.56
CA TYR A 257 27.63 5.09 -6.52
C TYR A 257 28.22 3.73 -6.12
N ASP A 258 27.70 3.13 -5.04
CA ASP A 258 28.19 1.83 -4.59
C ASP A 258 27.80 0.70 -5.57
N ALA A 259 26.60 0.76 -6.14
CA ALA A 259 26.19 -0.25 -7.11
C ALA A 259 27.08 -0.28 -8.34
N GLN A 260 27.47 0.89 -8.83
CA GLN A 260 28.37 0.96 -9.96
C GLN A 260 29.69 0.19 -9.71
N LYS A 261 30.24 0.32 -8.51
CA LYS A 261 31.43 -0.41 -8.13
C LYS A 261 31.22 -1.95 -8.09
N LEU A 262 30.02 -2.41 -7.72
CA LEU A 262 29.71 -3.86 -7.75
C LEU A 262 29.40 -4.39 -9.15
N LEU A 263 28.75 -3.57 -9.96
CA LEU A 263 28.33 -3.98 -11.30
C LEU A 263 29.43 -3.86 -12.37
N GLU A 264 30.36 -2.93 -12.20
CA GLU A 264 31.28 -2.59 -13.28
C GLU A 264 32.18 -3.76 -13.68
N LYS A 265 32.50 -4.65 -12.74
CA LYS A 265 33.34 -5.82 -13.05
C LYS A 265 32.57 -7.04 -13.50
N MET A 266 31.24 -6.96 -13.61
CA MET A 266 30.45 -8.17 -13.95
C MET A 266 30.73 -8.75 -15.33
N GLY A 267 30.84 -10.07 -15.38
CA GLY A 267 31.14 -10.83 -16.61
C GLY A 267 30.02 -11.81 -16.90
N GLY A 268 30.36 -12.98 -17.42
CA GLY A 268 29.35 -13.97 -17.81
C GLY A 268 28.52 -13.47 -18.99
N SER A 269 27.23 -13.83 -19.01
CA SER A 269 26.35 -13.51 -20.13
C SER A 269 26.00 -12.03 -20.19
N ALA A 270 25.83 -11.53 -21.40
CA ALA A 270 25.31 -10.20 -21.67
C ALA A 270 23.86 -10.09 -21.19
N PRO A 271 23.39 -8.84 -20.93
CA PRO A 271 21.95 -8.72 -20.62
C PRO A 271 21.13 -9.22 -21.83
N PRO A 272 19.98 -9.87 -21.58
CA PRO A 272 19.26 -10.47 -22.70
C PRO A 272 18.64 -9.47 -23.67
N ASP A 273 18.40 -8.26 -23.20
CA ASP A 273 17.87 -7.17 -24.04
C ASP A 273 17.93 -5.82 -23.28
N SER A 274 17.55 -4.74 -23.94
CA SER A 274 17.67 -3.39 -23.39
C SER A 274 16.77 -3.10 -22.16
N SER A 275 15.75 -3.93 -21.90
CA SER A 275 14.89 -3.78 -20.73
C SER A 275 15.59 -4.21 -19.42
N TRP A 276 16.73 -4.89 -19.56
CA TRP A 276 17.61 -5.24 -18.47
C TRP A 276 18.70 -4.20 -18.13
N ARG A 277 18.89 -3.20 -19.01
N ARG A 277 18.90 -3.21 -19.02
CA ARG A 277 19.93 -2.18 -18.83
CA ARG A 277 19.93 -2.17 -18.85
C ARG A 277 19.35 -0.91 -18.19
C ARG A 277 19.34 -0.92 -18.19
N GLY A 278 19.94 -0.52 -17.07
CA GLY A 278 19.66 0.78 -16.44
C GLY A 278 20.51 1.87 -17.07
N SER A 279 20.82 2.91 -16.31
CA SER A 279 21.47 4.13 -16.80
C SER A 279 22.91 4.31 -16.38
N LEU A 280 23.45 3.41 -15.57
CA LEU A 280 24.85 3.52 -15.19
C LEU A 280 25.74 3.12 -16.37
N LYS A 281 26.98 3.59 -16.34
CA LYS A 281 27.97 3.24 -17.38
C LYS A 281 28.65 1.91 -17.03
N VAL A 282 27.85 0.86 -17.11
CA VAL A 282 28.27 -0.51 -16.92
C VAL A 282 27.52 -1.33 -17.96
N PRO A 283 28.05 -2.51 -18.30
CA PRO A 283 27.38 -3.32 -19.33
C PRO A 283 26.05 -3.98 -18.91
N TYR A 284 25.82 -4.12 -17.61
CA TYR A 284 24.67 -4.87 -17.06
C TYR A 284 24.71 -6.36 -17.42
N ASN A 285 25.92 -6.92 -17.42
CA ASN A 285 26.07 -8.35 -17.58
C ASN A 285 25.41 -9.07 -16.43
N VAL A 286 24.83 -10.22 -16.75
N VAL A 286 24.83 -10.21 -16.72
CA VAL A 286 24.11 -11.01 -15.78
CA VAL A 286 24.10 -10.94 -15.69
C VAL A 286 25.03 -11.77 -14.82
C VAL A 286 24.98 -11.87 -14.86
N GLY A 287 26.24 -12.11 -15.27
CA GLY A 287 27.13 -12.98 -14.49
C GLY A 287 26.88 -14.44 -14.83
N PRO A 288 27.14 -15.38 -13.92
CA PRO A 288 27.64 -15.14 -12.56
C PRO A 288 29.07 -14.66 -12.53
N GLY A 289 29.40 -13.87 -11.51
CA GLY A 289 30.77 -13.50 -11.26
C GLY A 289 31.32 -12.41 -12.15
N PHE A 290 32.59 -12.12 -11.96
CA PHE A 290 33.28 -11.02 -12.60
C PHE A 290 34.07 -11.47 -13.83
N THR A 291 34.48 -10.52 -14.67
CA THR A 291 35.27 -10.81 -15.88
C THR A 291 36.67 -11.30 -15.53
N GLY A 292 37.30 -11.96 -16.49
CA GLY A 292 38.57 -12.71 -16.32
C GLY A 292 39.56 -12.21 -15.29
N ASN A 293 39.98 -10.96 -15.41
CA ASN A 293 41.00 -10.37 -14.52
C ASN A 293 40.58 -10.33 -13.05
N PHE A 294 39.28 -10.27 -12.81
CA PHE A 294 38.75 -10.16 -11.44
C PHE A 294 37.98 -11.40 -11.00
N SER A 295 38.15 -12.51 -11.72
CA SER A 295 37.30 -13.71 -11.54
C SER A 295 37.43 -14.36 -10.17
N THR A 296 38.58 -14.17 -9.51
CA THR A 296 38.84 -14.73 -8.19
C THR A 296 38.38 -13.82 -7.06
N GLN A 297 37.98 -12.58 -7.37
CA GLN A 297 37.34 -11.69 -6.39
C GLN A 297 35.91 -12.16 -6.14
N LYS A 298 35.39 -11.88 -4.95
CA LYS A 298 34.02 -12.25 -4.61
C LYS A 298 33.36 -11.10 -3.87
N VAL A 299 32.05 -11.20 -3.68
CA VAL A 299 31.29 -10.22 -2.92
C VAL A 299 30.93 -10.82 -1.57
N LYS A 300 31.08 -10.02 -0.52
CA LYS A 300 30.79 -10.44 0.86
C LYS A 300 29.84 -9.45 1.54
N MET A 301 28.73 -9.95 2.03
CA MET A 301 27.80 -9.14 2.81
C MET A 301 28.16 -9.29 4.29
N HIS A 302 27.88 -8.26 5.08
CA HIS A 302 28.05 -8.33 6.51
C HIS A 302 26.80 -7.73 7.12
N ILE A 303 25.87 -8.57 7.57
CA ILE A 303 24.61 -8.12 8.14
C ILE A 303 24.49 -8.59 9.58
N HIS A 304 24.29 -7.63 10.47
CA HIS A 304 24.23 -7.88 11.92
C HIS A 304 23.01 -7.29 12.61
N SER A 305 22.00 -6.93 11.82
CA SER A 305 20.77 -6.39 12.35
C SER A 305 20.12 -7.41 13.25
N THR A 306 19.32 -6.96 14.21
N THR A 306 19.27 -6.95 14.16
CA THR A 306 18.58 -7.86 15.09
CA THR A 306 18.63 -7.82 15.15
C THR A 306 17.11 -7.61 15.05
C THR A 306 17.13 -7.58 15.25
N ASN A 307 16.35 -8.67 15.25
CA ASN A 307 14.90 -8.59 15.42
C ASN A 307 14.62 -8.57 16.93
N GLU A 308 13.75 -7.67 17.36
CA GLU A 308 13.48 -7.47 18.82
C GLU A 308 12.05 -7.08 18.98
N VAL A 309 11.39 -7.71 19.94
CA VAL A 309 10.02 -7.35 20.32
C VAL A 309 10.08 -5.98 21.01
N THR A 310 9.29 -5.05 20.51
CA THR A 310 9.39 -3.65 20.85
C THR A 310 7.95 -3.08 20.93
N ARG A 311 7.73 -2.16 21.88
CA ARG A 311 6.42 -1.54 22.04
C ARG A 311 6.18 -0.44 20.99
N ILE A 312 4.96 -0.45 20.45
CA ILE A 312 4.49 0.53 19.49
C ILE A 312 3.17 1.11 20.01
N TYR A 313 2.81 2.29 19.52
CA TYR A 313 1.70 3.05 20.05
C TYR A 313 0.85 3.66 18.94
N ASN A 314 -0.41 3.27 18.88
CA ASN A 314 -1.37 3.94 17.98
C ASN A 314 -2.13 5.00 18.79
N VAL A 315 -2.39 6.15 18.18
CA VAL A 315 -3.31 7.12 18.78
C VAL A 315 -4.69 6.92 18.11
N ILE A 316 -5.73 6.79 18.92
N ILE A 316 -5.72 6.65 18.91
CA ILE A 316 -7.09 6.50 18.47
CA ILE A 316 -7.09 6.54 18.43
C ILE A 316 -8.01 7.59 19.06
C ILE A 316 -7.94 7.63 19.05
N GLY A 317 -8.52 8.45 18.18
CA GLY A 317 -9.43 9.54 18.57
C GLY A 317 -10.84 9.24 18.14
N THR A 318 -11.82 9.59 18.97
CA THR A 318 -13.22 9.30 18.68
C THR A 318 -14.01 10.60 18.66
N LEU A 319 -14.82 10.76 17.62
CA LEU A 319 -15.86 11.80 17.58
C LEU A 319 -17.20 11.07 17.50
N ARG A 320 -17.91 10.99 18.62
CA ARG A 320 -19.10 10.16 18.74
C ARG A 320 -20.25 10.71 17.86
N GLY A 321 -20.90 9.80 17.12
CA GLY A 321 -22.04 10.15 16.28
C GLY A 321 -23.27 10.51 17.08
N ALA A 322 -24.03 11.47 16.54
CA ALA A 322 -25.26 11.95 17.19
C ALA A 322 -26.43 11.00 17.03
N VAL A 323 -26.48 10.28 15.92
CA VAL A 323 -27.64 9.42 15.58
C VAL A 323 -27.29 7.95 15.49
N GLU A 324 -26.18 7.65 14.81
CA GLU A 324 -25.69 6.29 14.71
C GLU A 324 -24.27 6.14 15.25
N PRO A 325 -24.14 6.24 16.59
CA PRO A 325 -22.81 6.17 17.19
C PRO A 325 -22.16 4.80 17.07
N ASP A 326 -22.97 3.76 16.81
CA ASP A 326 -22.47 2.44 16.55
C ASP A 326 -22.12 2.17 15.07
N ARG A 327 -21.85 3.22 14.30
CA ARG A 327 -21.40 3.05 12.92
C ARG A 327 -20.14 3.86 12.84
N TYR A 328 -19.04 3.23 12.38
CA TYR A 328 -17.75 3.88 12.41
C TYR A 328 -17.22 4.20 11.00
N VAL A 329 -16.83 5.45 10.82
CA VAL A 329 -16.10 5.92 9.65
C VAL A 329 -14.69 6.25 10.14
N ILE A 330 -13.70 5.60 9.54
CA ILE A 330 -12.31 5.66 10.04
C ILE A 330 -11.43 6.40 9.07
N LEU A 331 -10.71 7.39 9.59
CA LEU A 331 -9.65 8.06 8.86
C LEU A 331 -8.35 7.73 9.56
N GLY A 332 -7.47 7.03 8.85
CA GLY A 332 -6.24 6.49 9.45
C GLY A 332 -5.04 6.68 8.59
N GLY A 333 -3.94 7.02 9.24
CA GLY A 333 -2.66 7.07 8.54
C GLY A 333 -1.56 6.89 9.54
N HIS A 334 -0.38 6.51 9.08
CA HIS A 334 0.72 6.24 10.01
C HIS A 334 1.55 7.47 10.36
N ARG A 335 2.25 7.32 11.47
CA ARG A 335 3.09 8.31 12.10
C ARG A 335 4.58 8.00 12.04
N ASP A 336 4.90 6.71 12.09
CA ASP A 336 6.29 6.27 12.09
C ASP A 336 6.91 6.54 10.75
N SER A 337 8.19 6.87 10.75
CA SER A 337 8.88 7.17 9.53
C SER A 337 10.22 6.45 9.51
N TRP A 338 10.81 6.30 8.34
CA TRP A 338 12.17 5.77 8.30
C TRP A 338 13.16 6.78 8.84
N VAL A 339 13.13 8.01 8.38
CA VAL A 339 13.95 9.05 8.97
C VAL A 339 13.03 10.23 9.28
N PHE A 340 13.09 11.31 8.50
CA PHE A 340 12.33 12.53 8.83
C PHE A 340 10.91 12.44 8.35
N GLY A 341 10.66 11.60 7.35
CA GLY A 341 9.29 11.42 6.86
C GLY A 341 8.64 12.62 6.20
N GLY A 342 9.44 13.46 5.53
CA GLY A 342 8.93 14.69 4.94
C GLY A 342 7.75 14.49 4.03
N ILE A 343 7.80 13.44 3.21
CA ILE A 343 6.62 13.04 2.46
C ILE A 343 5.94 11.89 3.17
N ASP A 344 6.68 10.78 3.36
CA ASP A 344 6.11 9.54 3.88
C ASP A 344 6.47 9.37 5.37
N PRO A 345 5.57 9.55 6.33
CA PRO A 345 4.12 9.77 6.15
C PRO A 345 3.69 11.18 6.48
N GLN A 346 4.60 12.08 6.84
CA GLN A 346 4.10 13.27 7.55
C GLN A 346 3.29 14.24 6.67
N SER A 347 3.48 14.20 5.35
CA SER A 347 2.61 14.98 4.46
C SER A 347 1.16 14.52 4.57
N GLY A 348 0.97 13.24 4.86
CA GLY A 348 -0.36 12.70 5.21
C GLY A 348 -0.81 12.99 6.63
N ALA A 349 0.06 12.78 7.61
CA ALA A 349 -0.27 13.03 8.98
C ALA A 349 -0.64 14.47 9.26
N ALA A 350 0.05 15.41 8.59
CA ALA A 350 -0.24 16.83 8.71
C ALA A 350 -1.64 17.15 8.20
N VAL A 351 -2.04 16.45 7.15
CA VAL A 351 -3.39 16.57 6.60
C VAL A 351 -4.43 15.99 7.58
N VAL A 352 -4.15 14.82 8.15
CA VAL A 352 -5.08 14.25 9.14
C VAL A 352 -5.23 15.24 10.32
N HIS A 353 -4.12 15.81 10.76
CA HIS A 353 -4.13 16.72 11.91
C HIS A 353 -5.04 17.92 11.63
N GLU A 354 -4.93 18.49 10.45
CA GLU A 354 -5.79 19.61 10.07
C GLU A 354 -7.26 19.22 9.89
N ILE A 355 -7.52 18.01 9.39
CA ILE A 355 -8.89 17.49 9.33
C ILE A 355 -9.50 17.34 10.72
N VAL A 356 -8.75 16.76 11.65
CA VAL A 356 -9.21 16.66 13.06
C VAL A 356 -9.51 18.04 13.63
N ARG A 357 -8.58 18.98 13.40
CA ARG A 357 -8.78 20.35 13.89
C ARG A 357 -10.10 20.96 13.36
N SER A 358 -10.34 20.81 12.05
N SER A 358 -10.36 20.76 12.06
CA SER A 358 -11.57 21.33 11.42
CA SER A 358 -11.53 21.33 11.43
C SER A 358 -12.82 20.68 11.98
C SER A 358 -12.85 20.68 11.86
N PHE A 359 -12.87 19.35 12.02
CA PHE A 359 -14.02 18.65 12.61
C PHE A 359 -14.24 19.11 14.06
N GLY A 360 -13.15 19.32 14.79
CA GLY A 360 -13.23 19.75 16.16
C GLY A 360 -13.79 21.16 16.31
N THR A 361 -13.48 22.03 15.37
CA THR A 361 -14.01 23.38 15.34
C THR A 361 -15.54 23.34 15.22
N LEU A 362 -16.06 22.48 14.32
CA LEU A 362 -17.50 22.30 14.20
C LEU A 362 -18.09 21.73 15.48
N LYS A 363 -17.43 20.74 16.07
CA LYS A 363 -17.89 20.14 17.33
C LYS A 363 -17.99 21.14 18.47
N LYS A 364 -17.01 22.03 18.59
CA LYS A 364 -17.07 23.11 19.61
C LYS A 364 -18.25 24.07 19.45
N GLU A 365 -18.77 24.18 18.23
CA GLU A 365 -19.94 25.01 17.91
C GLU A 365 -21.26 24.23 18.06
N GLY A 366 -21.19 22.99 18.52
CA GLY A 366 -22.38 22.19 18.80
C GLY A 366 -22.74 21.15 17.76
N TRP A 367 -21.93 21.01 16.71
CA TRP A 367 -22.20 20.01 15.69
C TRP A 367 -21.67 18.66 16.11
N ARG A 368 -22.36 17.62 15.68
CA ARG A 368 -21.78 16.26 15.69
C ARG A 368 -22.13 15.60 14.37
N PRO A 369 -21.25 14.70 13.87
CA PRO A 369 -21.60 13.93 12.70
C PRO A 369 -22.72 12.95 13.04
N ARG A 370 -23.45 12.50 12.03
CA ARG A 370 -24.46 11.45 12.19
C ARG A 370 -23.87 10.16 12.76
N ARG A 371 -22.81 9.67 12.13
CA ARG A 371 -22.09 8.43 12.54
C ARG A 371 -20.80 8.83 13.27
N THR A 372 -20.27 7.89 14.04
CA THR A 372 -19.01 8.08 14.75
C THR A 372 -17.86 8.11 13.76
N ILE A 373 -16.94 9.04 13.98
CA ILE A 373 -15.71 9.12 13.23
C ILE A 373 -14.58 8.72 14.17
N LEU A 374 -13.77 7.79 13.70
CA LEU A 374 -12.53 7.40 14.38
C LEU A 374 -11.36 7.91 13.57
N PHE A 375 -10.39 8.49 14.27
CA PHE A 375 -9.19 9.01 13.72
C PHE A 375 -8.02 8.19 14.29
N ALA A 376 -7.10 7.77 13.44
CA ALA A 376 -5.98 6.96 13.87
C ALA A 376 -4.67 7.48 13.37
N SER A 377 -3.69 7.49 14.27
CA SER A 377 -2.29 7.70 13.98
C SER A 377 -1.59 6.36 14.25
N TRP A 378 -1.34 5.60 13.21
CA TRP A 378 -0.81 4.24 13.34
C TRP A 378 0.69 4.24 13.51
N ASP A 379 1.17 3.25 14.26
CA ASP A 379 2.61 3.04 14.42
C ASP A 379 3.05 1.85 13.58
N ALA A 380 4.35 1.79 13.35
CA ALA A 380 5.03 0.66 12.73
C ALA A 380 4.45 0.23 11.41
N GLU A 381 3.90 1.17 10.66
CA GLU A 381 3.47 0.83 9.31
C GLU A 381 4.67 0.41 8.49
N GLU A 382 5.82 1.08 8.67
CA GLU A 382 6.97 0.79 7.85
C GLU A 382 7.56 -0.61 8.08
N PHE A 383 7.21 -1.25 9.20
CA PHE A 383 7.70 -2.56 9.51
C PHE A 383 6.68 -3.65 9.18
N GLY A 384 5.66 -3.31 8.41
CA GLY A 384 4.69 -4.32 7.94
C GLY A 384 3.25 -4.08 8.30
N LEU A 385 2.84 -2.82 8.36
CA LEU A 385 1.46 -2.47 8.69
C LEU A 385 1.11 -2.97 10.08
N LEU A 386 2.06 -2.94 11.00
CA LEU A 386 1.89 -3.66 12.23
C LEU A 386 0.89 -3.01 13.18
N GLY A 387 0.94 -1.71 13.35
CA GLY A 387 0.05 -1.06 14.26
C GLY A 387 -1.42 -1.10 13.87
N SER A 388 -1.72 -0.81 12.61
CA SER A 388 -3.09 -0.91 12.13
C SER A 388 -3.60 -2.35 12.24
N THR A 389 -2.77 -3.30 11.85
CA THR A 389 -3.21 -4.69 11.83
C THR A 389 -3.44 -5.23 13.23
N GLU A 390 -2.56 -4.94 14.20
CA GLU A 390 -2.78 -5.41 15.57
C GLU A 390 -4.04 -4.78 16.18
N TRP A 391 -4.26 -3.50 15.90
CA TRP A 391 -5.47 -2.85 16.41
C TRP A 391 -6.75 -3.44 15.80
N ALA A 392 -6.71 -3.71 14.50
CA ALA A 392 -7.84 -4.34 13.81
C ALA A 392 -8.06 -5.76 14.33
N GLU A 393 -6.98 -6.48 14.61
CA GLU A 393 -7.12 -7.80 15.23
C GLU A 393 -7.78 -7.72 16.60
N GLU A 394 -7.39 -6.75 17.42
CA GLU A 394 -8.01 -6.56 18.71
C GLU A 394 -9.50 -6.22 18.62
N ASN A 395 -9.85 -5.42 17.62
CA ASN A 395 -11.19 -4.84 17.53
C ASN A 395 -12.00 -5.41 16.37
N SER A 396 -11.64 -6.60 15.90
CA SER A 396 -12.22 -7.13 14.68
C SER A 396 -13.75 -7.32 14.78
N ARG A 397 -14.25 -7.71 15.94
CA ARG A 397 -15.70 -7.89 16.11
C ARG A 397 -16.47 -6.57 16.01
N LEU A 398 -15.91 -5.52 16.58
CA LEU A 398 -16.51 -4.19 16.48
C LEU A 398 -16.46 -3.72 15.03
N LEU A 399 -15.33 -3.95 14.38
CA LEU A 399 -15.13 -3.45 13.04
C LEU A 399 -16.00 -4.18 12.04
N GLN A 400 -16.12 -5.47 12.17
N GLN A 400 -16.09 -5.51 12.19
CA GLN A 400 -16.89 -6.14 11.15
CA GLN A 400 -16.93 -6.38 11.31
C GLN A 400 -18.42 -5.96 11.29
C GLN A 400 -18.37 -5.89 11.30
N GLU A 401 -18.90 -5.64 12.50
CA GLU A 401 -20.34 -5.36 12.64
C GLU A 401 -20.68 -3.89 12.52
N ARG A 402 -19.71 -3.00 12.67
CA ARG A 402 -20.00 -1.57 12.74
C ARG A 402 -19.22 -0.69 11.75
N GLY A 403 -18.27 -1.26 11.03
CA GLY A 403 -17.35 -0.49 10.21
C GLY A 403 -18.00 -0.14 8.89
N VAL A 404 -18.20 1.15 8.67
CA VAL A 404 -18.75 1.65 7.43
C VAL A 404 -17.70 1.77 6.33
N ALA A 405 -16.60 2.44 6.65
CA ALA A 405 -15.56 2.74 5.68
C ALA A 405 -14.27 3.13 6.35
N TYR A 406 -13.20 2.92 5.61
CA TYR A 406 -11.84 3.28 6.02
C TYR A 406 -11.23 4.13 4.92
N ILE A 407 -10.78 5.34 5.28
CA ILE A 407 -10.05 6.24 4.39
C ILE A 407 -8.63 6.31 4.89
N ASN A 408 -7.69 5.93 4.04
CA ASN A 408 -6.28 5.98 4.40
C ASN A 408 -5.73 7.38 4.25
N ALA A 409 -4.62 7.65 4.95
CA ALA A 409 -4.03 8.98 4.91
C ALA A 409 -2.54 8.93 5.12
N ASP A 410 -1.86 8.20 4.25
CA ASP A 410 -0.41 8.28 4.16
C ASP A 410 -0.10 9.45 3.25
N SER A 411 1.07 9.44 2.62
CA SER A 411 1.62 10.56 1.90
C SER A 411 0.56 11.30 1.05
N SER A 412 0.49 12.61 1.21
CA SER A 412 -0.46 13.41 0.45
C SER A 412 -0.01 13.70 -0.97
N ILE A 413 1.28 13.54 -1.24
CA ILE A 413 1.88 13.85 -2.51
C ILE A 413 2.90 12.75 -2.88
N GLU A 414 2.89 12.35 -4.14
CA GLU A 414 4.00 11.61 -4.74
C GLU A 414 4.44 12.30 -6.04
N GLY A 415 3.87 13.49 -6.28
CA GLY A 415 4.07 14.30 -7.46
C GLY A 415 3.15 15.53 -7.31
N ASN A 416 3.13 16.38 -8.32
CA ASN A 416 2.29 17.58 -8.29
C ASN A 416 1.51 17.83 -9.58
N TYR A 417 1.18 16.75 -10.28
CA TYR A 417 0.53 16.84 -11.59
C TYR A 417 -1.00 16.73 -11.49
N THR A 418 -1.49 15.67 -10.87
CA THR A 418 -2.93 15.51 -10.75
C THR A 418 -3.30 14.60 -9.58
N LEU A 419 -4.59 14.36 -9.41
CA LEU A 419 -5.07 13.50 -8.35
C LEU A 419 -4.90 12.03 -8.71
N ARG A 420 -4.63 11.22 -7.69
CA ARG A 420 -4.65 9.77 -7.73
C ARG A 420 -5.69 9.29 -6.70
N VAL A 421 -6.61 8.42 -7.12
CA VAL A 421 -7.55 7.76 -6.22
C VAL A 421 -7.52 6.26 -6.50
N ASP A 422 -7.38 5.46 -5.43
CA ASP A 422 -7.55 4.02 -5.48
C ASP A 422 -8.63 3.70 -4.43
N CYS A 423 -9.68 2.98 -4.80
CA CYS A 423 -10.75 2.68 -3.86
C CYS A 423 -11.62 1.57 -4.36
N THR A 424 -12.48 1.12 -3.48
CA THR A 424 -13.55 0.23 -3.82
C THR A 424 -14.53 0.86 -4.82
N PRO A 425 -15.07 0.07 -5.74
CA PRO A 425 -16.11 0.59 -6.61
C PRO A 425 -17.28 1.24 -5.87
N LEU A 426 -17.53 0.83 -4.62
CA LEU A 426 -18.60 1.43 -3.84
C LEU A 426 -18.45 2.91 -3.62
N MET A 427 -17.22 3.42 -3.69
N MET A 427 -17.24 3.44 -3.69
CA MET A 427 -16.91 4.84 -3.50
CA MET A 427 -17.02 4.88 -3.51
C MET A 427 -16.76 5.66 -4.80
C MET A 427 -16.66 5.63 -4.79
N TYR A 428 -16.88 5.04 -5.96
CA TYR A 428 -16.61 5.76 -7.23
C TYR A 428 -17.50 6.98 -7.38
N SER A 429 -18.81 6.79 -7.15
N SER A 429 -18.79 6.80 -7.14
CA SER A 429 -19.79 7.86 -7.29
CA SER A 429 -19.77 7.86 -7.32
C SER A 429 -19.53 8.98 -6.31
C SER A 429 -19.60 8.98 -6.29
N LEU A 430 -19.28 8.62 -5.05
CA LEU A 430 -18.89 9.59 -4.00
C LEU A 430 -17.70 10.44 -4.44
N VAL A 431 -16.65 9.78 -4.92
CA VAL A 431 -15.43 10.50 -5.39
C VAL A 431 -15.72 11.43 -6.58
N HIS A 432 -16.46 10.92 -7.56
CA HIS A 432 -16.85 11.75 -8.72
C HIS A 432 -17.62 12.99 -8.26
N ASN A 433 -18.63 12.80 -7.41
CA ASN A 433 -19.46 13.92 -6.95
C ASN A 433 -18.71 14.92 -6.09
N LEU A 434 -17.88 14.44 -5.18
CA LEU A 434 -17.12 15.33 -4.35
C LEU A 434 -16.14 16.17 -5.17
N THR A 435 -15.38 15.54 -6.04
CA THR A 435 -14.38 16.27 -6.86
C THR A 435 -14.99 17.32 -7.80
N LYS A 436 -16.26 17.14 -8.18
CA LYS A 436 -16.99 18.13 -8.96
C LYS A 436 -17.28 19.40 -8.17
N GLU A 437 -17.28 19.30 -6.84
CA GLU A 437 -17.59 20.44 -5.98
C GLU A 437 -16.35 21.08 -5.38
N LEU A 438 -15.17 20.52 -5.67
CA LEU A 438 -13.92 21.08 -5.16
C LEU A 438 -13.20 21.86 -6.26
N LYS A 439 -12.48 22.89 -5.85
CA LYS A 439 -11.70 23.69 -6.81
C LYS A 439 -10.43 22.97 -7.23
N SER A 440 -10.07 23.03 -8.51
CA SER A 440 -8.76 22.54 -8.96
C SER A 440 -7.66 23.46 -8.49
N PRO A 441 -6.57 22.90 -7.94
CA PRO A 441 -5.43 23.74 -7.59
C PRO A 441 -4.41 23.88 -8.73
N ASP A 442 -4.70 23.26 -9.87
CA ASP A 442 -3.73 23.14 -10.95
C ASP A 442 -3.62 24.42 -11.76
N GLU A 443 -2.40 24.73 -12.20
N GLU A 443 -2.40 24.68 -12.23
CA GLU A 443 -2.17 25.86 -13.09
CA GLU A 443 -2.13 25.81 -13.12
C GLU A 443 -2.86 25.57 -14.43
C GLU A 443 -2.86 25.56 -14.44
N GLY A 444 -3.53 26.59 -14.95
CA GLY A 444 -4.36 26.45 -16.16
C GLY A 444 -5.79 26.01 -15.94
N PHE A 445 -6.15 25.66 -14.70
CA PHE A 445 -7.51 25.27 -14.36
C PHE A 445 -8.12 26.15 -13.27
N GLU A 446 -7.73 27.40 -13.22
N GLU A 446 -7.67 27.39 -13.15
CA GLU A 446 -8.22 28.31 -12.20
CA GLU A 446 -8.20 28.29 -12.12
C GLU A 446 -9.71 28.50 -12.45
C GLU A 446 -9.67 28.57 -12.41
N GLY A 447 -10.52 28.34 -11.41
CA GLY A 447 -11.97 28.42 -11.57
C GLY A 447 -12.66 27.16 -12.09
N LYS A 448 -11.89 26.12 -12.40
N LYS A 448 -11.90 26.12 -12.44
CA LYS A 448 -12.44 24.83 -12.82
CA LYS A 448 -12.47 24.84 -12.84
C LYS A 448 -12.44 23.85 -11.64
C LYS A 448 -12.48 23.89 -11.64
N SER A 449 -13.28 22.83 -11.74
CA SER A 449 -13.37 21.83 -10.69
C SER A 449 -12.17 20.90 -10.71
N LEU A 450 -11.90 20.28 -9.58
N LEU A 450 -11.93 20.29 -9.56
CA LEU A 450 -10.89 19.23 -9.48
CA LEU A 450 -10.95 19.22 -9.41
C LEU A 450 -11.28 18.05 -10.39
C LEU A 450 -11.28 18.05 -10.34
N TYR A 451 -12.57 17.71 -10.43
CA TYR A 451 -13.04 16.70 -11.38
C TYR A 451 -12.58 16.99 -12.83
N GLU A 452 -12.73 18.23 -13.27
N GLU A 452 -12.73 18.25 -13.24
CA GLU A 452 -12.33 18.60 -14.63
CA GLU A 452 -12.33 18.70 -14.58
C GLU A 452 -10.82 18.43 -14.88
C GLU A 452 -10.84 18.48 -14.88
N SER A 453 -9.99 18.97 -13.98
CA SER A 453 -8.53 18.87 -14.17
C SER A 453 -8.06 17.41 -14.08
N TRP A 454 -8.61 16.70 -13.11
CA TRP A 454 -8.29 15.30 -12.90
C TRP A 454 -8.68 14.46 -14.13
N THR A 455 -9.87 14.69 -14.65
CA THR A 455 -10.36 13.95 -15.80
C THR A 455 -9.53 14.25 -17.07
N LYS A 456 -9.15 15.51 -17.25
CA LYS A 456 -8.30 15.89 -18.40
C LYS A 456 -6.91 15.25 -18.32
N LYS A 457 -6.30 15.30 -17.15
CA LYS A 457 -4.94 14.81 -16.97
C LYS A 457 -4.78 13.30 -16.79
N SER A 458 -5.82 12.65 -16.27
N SER A 458 -5.81 12.66 -16.20
CA SER A 458 -5.78 11.23 -16.00
CA SER A 458 -5.82 11.22 -15.95
C SER A 458 -7.08 10.58 -16.46
C SER A 458 -7.12 10.62 -16.46
N PRO A 459 -7.30 10.56 -17.79
CA PRO A 459 -8.53 10.00 -18.32
C PRO A 459 -8.65 8.52 -18.01
N SER A 460 -9.86 8.11 -17.70
CA SER A 460 -10.20 6.71 -17.60
C SER A 460 -9.83 6.02 -18.90
N PRO A 461 -9.19 4.84 -18.83
CA PRO A 461 -8.94 4.08 -20.08
C PRO A 461 -10.18 3.50 -20.78
N GLU A 462 -11.35 3.64 -20.17
N GLU A 462 -11.34 3.50 -20.11
CA GLU A 462 -12.56 2.91 -20.54
CA GLU A 462 -12.57 2.96 -20.68
C GLU A 462 -13.78 3.81 -20.85
C GLU A 462 -13.56 4.05 -21.09
N PHE A 463 -13.89 4.97 -20.18
CA PHE A 463 -15.00 5.90 -20.39
C PHE A 463 -14.55 7.34 -20.60
N SER A 464 -15.01 7.93 -21.70
N SER A 464 -14.95 7.93 -21.72
CA SER A 464 -14.73 9.33 -22.01
CA SER A 464 -14.60 9.32 -22.00
C SER A 464 -15.41 10.21 -20.97
C SER A 464 -15.39 10.21 -21.03
N GLY A 465 -14.72 11.27 -20.56
CA GLY A 465 -15.30 12.22 -19.62
C GLY A 465 -15.31 11.78 -18.16
N MET A 466 -14.62 10.68 -17.86
N MET A 466 -14.66 10.64 -17.87
CA MET A 466 -14.41 10.20 -16.48
CA MET A 466 -14.44 10.14 -16.50
C MET A 466 -12.93 10.00 -16.19
C MET A 466 -12.93 10.07 -16.21
N PRO A 467 -12.54 10.18 -14.92
CA PRO A 467 -11.16 9.99 -14.52
C PRO A 467 -10.78 8.53 -14.20
N ARG A 468 -9.48 8.26 -14.22
CA ARG A 468 -8.92 6.98 -13.77
C ARG A 468 -9.04 6.82 -12.25
N ILE A 469 -9.67 5.74 -11.79
CA ILE A 469 -9.61 5.30 -10.40
C ILE A 469 -9.09 3.86 -10.40
N SER A 470 -8.04 3.61 -9.66
CA SER A 470 -7.42 2.30 -9.61
C SER A 470 -8.00 1.42 -8.55
N LYS A 471 -7.70 0.12 -8.70
N LYS A 471 -7.82 0.11 -8.69
CA LYS A 471 -7.95 -0.88 -7.68
CA LYS A 471 -8.18 -0.79 -7.60
C LYS A 471 -7.04 -0.61 -6.48
C LYS A 471 -7.10 -0.65 -6.51
N LEU A 472 -7.50 -0.94 -5.28
CA LEU A 472 -6.59 -0.91 -4.11
C LEU A 472 -5.65 -2.08 -4.26
N GLY A 473 -4.37 -1.81 -4.07
CA GLY A 473 -3.39 -2.87 -3.90
C GLY A 473 -3.13 -3.09 -2.44
N SER A 474 -1.86 -3.06 -2.05
CA SER A 474 -1.54 -3.07 -0.65
C SER A 474 -0.26 -2.30 -0.41
N GLY A 475 0.42 -2.57 0.70
CA GLY A 475 1.56 -1.78 1.08
C GLY A 475 1.17 -0.53 1.85
N ASN A 476 -0.03 -0.53 2.43
CA ASN A 476 -0.43 0.50 3.37
C ASN A 476 -1.54 0.03 4.32
N ASP A 477 -1.89 0.89 5.27
CA ASP A 477 -2.64 0.47 6.44
C ASP A 477 -4.11 0.14 6.17
N PHE A 478 -4.59 0.39 4.96
CA PHE A 478 -5.93 -0.08 4.60
C PHE A 478 -6.03 -1.60 4.44
N GLU A 479 -4.90 -2.29 4.32
CA GLU A 479 -4.93 -3.74 3.98
C GLU A 479 -5.80 -4.57 4.90
N VAL A 480 -5.62 -4.42 6.21
CA VAL A 480 -6.42 -5.21 7.16
C VAL A 480 -7.90 -4.92 7.01
N PHE A 481 -8.22 -3.64 6.84
CA PHE A 481 -9.60 -3.22 6.79
C PHE A 481 -10.29 -3.76 5.57
N PHE A 482 -9.60 -3.69 4.44
CA PHE A 482 -10.23 -4.05 3.16
C PHE A 482 -10.10 -5.55 2.85
N GLN A 483 -8.85 -6.04 2.78
N GLN A 483 -8.88 -6.06 2.76
CA GLN A 483 -8.56 -7.42 2.36
CA GLN A 483 -8.71 -7.44 2.28
C GLN A 483 -8.99 -8.45 3.40
C GLN A 483 -8.89 -8.50 3.39
N ARG A 484 -8.76 -8.14 4.68
CA ARG A 484 -9.11 -9.10 5.74
C ARG A 484 -10.55 -8.97 6.20
N LEU A 485 -10.95 -7.74 6.57
CA LEU A 485 -12.26 -7.52 7.16
C LEU A 485 -13.41 -7.15 6.21
N GLY A 486 -13.13 -6.70 5.00
CA GLY A 486 -14.18 -6.37 4.03
C GLY A 486 -14.90 -5.10 4.36
N ILE A 487 -14.15 -4.08 4.78
CA ILE A 487 -14.70 -2.75 4.97
C ILE A 487 -14.33 -1.90 3.79
N ALA A 488 -15.31 -1.21 3.20
CA ALA A 488 -15.12 -0.32 2.05
C ALA A 488 -13.98 0.65 2.33
N SER A 489 -12.97 0.67 1.46
CA SER A 489 -11.78 1.47 1.74
C SER A 489 -11.37 2.27 0.53
N GLY A 490 -10.65 3.35 0.80
CA GLY A 490 -10.12 4.19 -0.28
C GLY A 490 -8.94 5.04 0.16
N ARG A 491 -8.26 5.61 -0.82
CA ARG A 491 -7.10 6.47 -0.62
C ARG A 491 -7.04 7.50 -1.75
N ALA A 492 -6.45 8.64 -1.47
CA ALA A 492 -6.30 9.71 -2.46
C ALA A 492 -5.07 10.52 -2.15
N ARG A 493 -4.36 10.92 -3.21
CA ARG A 493 -3.20 11.83 -3.05
C ARG A 493 -2.93 12.50 -4.37
N TYR A 494 -2.03 13.48 -4.36
CA TYR A 494 -1.55 14.04 -5.60
C TYR A 494 -0.41 13.18 -6.13
N THR A 495 -0.31 13.10 -7.45
CA THR A 495 0.65 12.19 -8.11
C THR A 495 1.27 12.87 -9.32
N LYS A 496 2.22 12.16 -9.94
CA LYS A 496 2.91 12.61 -11.16
C LYS A 496 2.10 12.20 -12.39
N ASN A 497 2.55 12.59 -13.58
CA ASN A 497 1.86 12.28 -14.82
C ASN A 497 1.78 10.73 -15.07
N TRP A 498 0.55 10.18 -15.22
CA TRP A 498 0.37 8.72 -15.46
C TRP A 498 1.09 8.21 -16.75
N GLU A 499 1.21 9.09 -17.76
CA GLU A 499 1.99 8.83 -18.99
C GLU A 499 3.46 8.52 -18.74
N THR A 500 4.16 9.41 -18.05
CA THR A 500 5.58 9.22 -17.70
C THR A 500 5.80 8.35 -16.43
N ASN A 501 4.70 7.94 -15.78
CA ASN A 501 4.75 7.11 -14.55
C ASN A 501 5.30 5.69 -14.84
N LYS A 502 6.54 5.47 -14.38
CA LYS A 502 7.23 4.17 -14.50
C LYS A 502 6.99 3.17 -13.30
N PHE A 503 6.04 3.50 -12.41
CA PHE A 503 5.65 2.66 -11.25
C PHE A 503 6.82 2.33 -10.29
N SER A 504 7.59 3.37 -9.95
CA SER A 504 8.61 3.23 -8.94
C SER A 504 8.54 4.30 -7.82
N GLY A 505 7.61 5.26 -7.92
CA GLY A 505 7.42 6.26 -6.86
C GLY A 505 8.29 7.48 -7.09
N TYR A 506 8.52 8.27 -6.03
CA TYR A 506 9.34 9.49 -6.16
C TYR A 506 10.80 9.15 -5.82
N PRO A 507 11.77 9.90 -6.37
CA PRO A 507 13.16 9.47 -6.22
C PRO A 507 13.67 9.32 -4.80
N LEU A 508 13.22 10.19 -3.89
CA LEU A 508 13.78 10.23 -2.52
C LEU A 508 13.04 9.37 -1.51
N TYR A 509 12.17 8.51 -2.01
CA TYR A 509 11.43 7.56 -1.20
C TYR A 509 12.30 6.79 -0.19
N HIS A 510 11.97 6.96 1.10
CA HIS A 510 12.56 6.23 2.22
C HIS A 510 14.06 6.52 2.40
N SER A 511 14.46 7.67 1.86
CA SER A 511 15.77 8.24 2.02
C SER A 511 15.85 9.40 3.13
N VAL A 512 17.07 9.60 3.66
N VAL A 512 17.04 9.61 3.69
CA VAL A 512 17.34 10.68 4.61
CA VAL A 512 17.25 10.71 4.63
C VAL A 512 16.94 12.02 3.98
C VAL A 512 16.94 12.05 3.99
N TYR A 513 16.91 12.09 2.65
CA TYR A 513 16.70 13.35 1.92
C TYR A 513 15.22 13.73 1.87
N GLU A 514 14.34 12.82 2.30
CA GLU A 514 12.93 13.11 2.41
C GLU A 514 12.60 14.02 3.60
N THR A 515 12.66 15.34 3.38
CA THR A 515 12.61 16.33 4.43
C THR A 515 11.49 17.32 4.20
N TYR A 516 11.25 18.15 5.21
CA TYR A 516 10.38 19.31 5.05
C TYR A 516 10.80 20.15 3.84
N GLU A 517 12.10 20.40 3.69
CA GLU A 517 12.57 21.25 2.60
C GLU A 517 12.30 20.66 1.23
N LEU A 518 12.39 19.34 1.12
CA LEU A 518 12.02 18.71 -0.14
C LEU A 518 10.62 19.12 -0.57
N VAL A 519 9.68 19.06 0.38
CA VAL A 519 8.30 19.34 0.11
C VAL A 519 8.08 20.83 -0.18
N GLU A 520 8.58 21.69 0.72
CA GLU A 520 8.34 23.12 0.67
C GLU A 520 9.04 23.76 -0.54
N LYS A 521 10.22 23.28 -0.91
CA LYS A 521 10.96 23.84 -2.04
C LYS A 521 10.51 23.28 -3.40
N PHE A 522 10.24 21.98 -3.49
CA PHE A 522 10.17 21.29 -4.78
C PHE A 522 8.82 20.69 -5.12
N TYR A 523 7.99 20.34 -4.14
CA TYR A 523 6.72 19.69 -4.40
C TYR A 523 5.53 20.62 -4.34
N ASP A 524 5.43 21.40 -3.26
CA ASP A 524 4.18 22.12 -2.97
C ASP A 524 4.44 23.35 -2.11
N PRO A 525 5.16 24.33 -2.65
CA PRO A 525 5.54 25.50 -1.85
C PRO A 525 4.35 26.23 -1.20
N MET A 526 3.19 26.26 -1.87
N MET A 526 3.22 26.29 -1.92
CA MET A 526 2.00 26.94 -1.34
CA MET A 526 1.99 26.94 -1.45
C MET A 526 1.08 26.00 -0.58
C MET A 526 1.15 26.03 -0.53
N PHE A 527 1.46 24.73 -0.48
CA PHE A 527 0.65 23.74 0.21
C PHE A 527 -0.78 23.63 -0.32
N LYS A 528 -0.93 23.99 -1.60
CA LYS A 528 -2.22 23.93 -2.25
C LYS A 528 -2.57 22.50 -2.66
N TYR A 529 -1.59 21.67 -3.01
CA TYR A 529 -1.91 20.27 -3.32
C TYR A 529 -2.27 19.52 -2.04
N HIS A 530 -1.56 19.81 -0.94
CA HIS A 530 -1.91 19.29 0.39
C HIS A 530 -3.33 19.68 0.79
N LEU A 531 -3.68 20.95 0.58
CA LEU A 531 -5.02 21.41 0.91
C LEU A 531 -6.08 20.66 0.09
N THR A 532 -5.86 20.54 -1.21
CA THR A 532 -6.75 19.77 -2.07
C THR A 532 -6.91 18.32 -1.60
N VAL A 533 -5.82 17.68 -1.22
CA VAL A 533 -5.91 16.32 -0.70
C VAL A 533 -6.66 16.26 0.63
N ALA A 534 -6.48 17.27 1.48
CA ALA A 534 -7.24 17.37 2.73
C ALA A 534 -8.74 17.49 2.47
N GLN A 535 -9.10 18.28 1.45
CA GLN A 535 -10.50 18.42 1.07
C GLN A 535 -11.09 17.13 0.50
N VAL A 536 -10.30 16.39 -0.29
CA VAL A 536 -10.77 15.09 -0.79
C VAL A 536 -10.92 14.09 0.37
N ARG A 537 -9.88 13.89 1.17
CA ARG A 537 -9.96 12.87 2.24
C ARG A 537 -11.00 13.26 3.28
N GLY A 538 -10.96 14.52 3.66
CA GLY A 538 -11.90 15.01 4.64
C GLY A 538 -13.33 15.05 4.14
N GLY A 539 -13.52 15.44 2.89
CA GLY A 539 -14.86 15.50 2.27
C GLY A 539 -15.44 14.10 2.18
N MET A 540 -14.61 13.10 1.86
CA MET A 540 -15.08 11.72 1.83
C MET A 540 -15.55 11.28 3.21
N VAL A 541 -14.74 11.54 4.24
CA VAL A 541 -15.09 11.18 5.62
C VAL A 541 -16.37 11.89 6.03
N PHE A 542 -16.49 13.19 5.70
CA PHE A 542 -17.66 13.96 6.04
C PHE A 542 -18.93 13.31 5.43
N GLU A 543 -18.89 13.02 4.14
CA GLU A 543 -20.07 12.43 3.44
C GLU A 543 -20.39 11.04 3.98
N LEU A 544 -19.35 10.23 4.20
CA LEU A 544 -19.56 8.88 4.76
C LEU A 544 -20.18 8.93 6.17
N ALA A 545 -19.76 9.92 6.95
CA ALA A 545 -20.21 10.02 8.33
C ALA A 545 -21.50 10.79 8.50
N ASN A 546 -21.92 11.54 7.48
CA ASN A 546 -23.10 12.40 7.63
C ASN A 546 -24.27 12.20 6.70
N SER A 547 -24.04 11.58 5.56
CA SER A 547 -25.10 11.37 4.61
C SER A 547 -26.14 10.45 5.22
N ILE A 548 -27.41 10.78 5.01
N ILE A 548 -27.42 10.78 5.02
CA ILE A 548 -28.47 9.97 5.59
CA ILE A 548 -28.50 9.97 5.59
C ILE A 548 -28.41 8.55 5.03
C ILE A 548 -28.48 8.55 5.03
N VAL A 549 -28.38 8.46 3.71
CA VAL A 549 -28.16 7.18 3.03
C VAL A 549 -26.66 7.09 2.77
N LEU A 550 -26.06 5.96 3.12
CA LEU A 550 -24.62 5.79 2.88
C LEU A 550 -24.31 6.06 1.41
N PRO A 551 -23.21 6.80 1.10
CA PRO A 551 -22.93 7.22 -0.27
C PRO A 551 -22.17 6.15 -1.08
N PHE A 552 -22.75 4.96 -1.16
CA PHE A 552 -22.21 3.80 -1.87
C PHE A 552 -23.17 3.47 -3.01
N ASP A 553 -22.64 3.23 -4.21
CA ASP A 553 -23.48 2.81 -5.35
C ASP A 553 -23.11 1.38 -5.76
N CYS A 554 -23.95 0.43 -5.38
N CYS A 554 -23.95 0.43 -5.39
CA CYS A 554 -23.70 -0.98 -5.69
CA CYS A 554 -23.70 -0.99 -5.68
C CYS A 554 -23.62 -1.27 -7.19
C CYS A 554 -23.72 -1.34 -7.17
N ARG A 555 -24.28 -0.46 -8.01
CA ARG A 555 -24.25 -0.66 -9.46
C ARG A 555 -22.83 -0.49 -10.03
N ASP A 556 -22.00 0.31 -9.36
CA ASP A 556 -20.61 0.46 -9.78
C ASP A 556 -19.84 -0.84 -9.57
N TYR A 557 -20.19 -1.61 -8.54
CA TYR A 557 -19.56 -2.92 -8.36
C TYR A 557 -19.96 -3.85 -9.50
N ALA A 558 -21.23 -3.80 -9.93
CA ALA A 558 -21.68 -4.67 -11.01
C ALA A 558 -20.89 -4.46 -12.30
N VAL A 559 -20.62 -3.20 -12.64
CA VAL A 559 -19.86 -2.86 -13.83
C VAL A 559 -18.44 -3.45 -13.79
N VAL A 560 -17.73 -3.24 -12.68
CA VAL A 560 -16.35 -3.74 -12.59
C VAL A 560 -16.31 -5.26 -12.55
N LEU A 561 -17.29 -5.90 -11.91
CA LEU A 561 -17.31 -7.36 -11.85
C LEU A 561 -17.35 -7.98 -13.24
N ARG A 562 -18.11 -7.37 -14.16
CA ARG A 562 -18.17 -7.83 -15.53
C ARG A 562 -16.83 -7.62 -16.24
N LYS A 563 -16.20 -6.48 -16.00
CA LYS A 563 -14.88 -6.21 -16.57
C LYS A 563 -13.88 -7.27 -16.05
N TYR A 564 -13.91 -7.57 -14.74
CA TYR A 564 -12.96 -8.54 -14.18
C TYR A 564 -13.26 -9.95 -14.67
N ALA A 565 -14.54 -10.29 -14.83
CA ALA A 565 -14.90 -11.60 -15.36
C ALA A 565 -14.42 -11.75 -16.80
N ASP A 566 -14.66 -10.74 -17.61
CA ASP A 566 -14.11 -10.70 -19.00
C ASP A 566 -12.57 -10.91 -19.01
N LYS A 567 -11.88 -10.25 -18.11
N LYS A 567 -11.88 -10.23 -18.11
CA LYS A 567 -10.42 -10.33 -18.08
CA LYS A 567 -10.41 -10.31 -18.04
C LYS A 567 -9.93 -11.73 -17.73
C LYS A 567 -9.91 -11.71 -17.70
N ILE A 568 -10.52 -12.32 -16.69
CA ILE A 568 -10.06 -13.62 -16.24
C ILE A 568 -10.42 -14.72 -17.27
N TYR A 569 -11.59 -14.60 -17.86
CA TYR A 569 -11.96 -15.50 -18.97
C TYR A 569 -10.94 -15.42 -20.12
N SER A 570 -10.54 -14.20 -20.47
N SER A 570 -10.55 -14.20 -20.48
CA SER A 570 -9.59 -14.01 -21.58
CA SER A 570 -9.60 -13.99 -21.55
C SER A 570 -8.20 -14.58 -21.26
C SER A 570 -8.26 -14.66 -21.25
N ILE A 571 -7.79 -14.60 -19.99
CA ILE A 571 -6.57 -15.28 -19.59
C ILE A 571 -6.71 -16.81 -19.81
N SER A 572 -7.82 -17.37 -19.35
CA SER A 572 -8.06 -18.81 -19.49
C SER A 572 -8.13 -19.24 -20.95
N MET A 573 -8.71 -18.38 -21.79
CA MET A 573 -8.93 -18.68 -23.23
C MET A 573 -7.66 -18.68 -24.09
N LYS A 574 -6.52 -18.35 -23.49
CA LYS A 574 -5.21 -18.65 -24.10
C LYS A 574 -4.91 -20.17 -24.10
N HIS A 575 -5.71 -20.97 -23.39
CA HIS A 575 -5.53 -22.43 -23.28
C HIS A 575 -6.78 -23.17 -23.72
N PRO A 576 -7.21 -22.95 -25.00
CA PRO A 576 -8.49 -23.54 -25.41
C PRO A 576 -8.56 -25.06 -25.34
N GLN A 577 -7.46 -25.74 -25.69
N GLN A 577 -7.48 -25.73 -25.68
CA GLN A 577 -7.46 -27.23 -25.63
CA GLN A 577 -7.50 -27.20 -25.68
C GLN A 577 -7.73 -27.72 -24.21
C GLN A 577 -7.59 -27.81 -24.26
N GLU A 578 -7.03 -27.14 -23.24
CA GLU A 578 -7.19 -27.57 -21.86
C GLU A 578 -8.60 -27.29 -21.34
N MET A 579 -9.16 -26.14 -21.73
CA MET A 579 -10.53 -25.81 -21.35
C MET A 579 -11.51 -26.85 -21.91
N LYS A 580 -11.24 -27.36 -23.13
CA LYS A 580 -12.06 -28.43 -23.68
C LYS A 580 -11.86 -29.75 -22.91
N THR A 581 -10.60 -30.13 -22.73
CA THR A 581 -10.26 -31.40 -22.08
C THR A 581 -10.83 -31.50 -20.68
N TYR A 582 -10.67 -30.44 -19.90
CA TYR A 582 -11.12 -30.43 -18.52
C TYR A 582 -12.49 -29.79 -18.25
N SER A 583 -13.22 -29.44 -19.31
N SER A 583 -13.21 -29.41 -19.29
CA SER A 583 -14.57 -28.86 -19.23
CA SER A 583 -14.58 -28.91 -19.15
C SER A 583 -14.60 -27.65 -18.30
C SER A 583 -14.64 -27.63 -18.31
N VAL A 584 -13.74 -26.69 -18.59
CA VAL A 584 -13.56 -25.49 -17.79
C VAL A 584 -14.52 -24.45 -18.31
N SER A 585 -15.56 -24.20 -17.54
CA SER A 585 -16.57 -23.21 -17.93
C SER A 585 -16.58 -22.03 -16.99
N PHE A 586 -16.65 -20.83 -17.57
CA PHE A 586 -16.88 -19.62 -16.78
C PHE A 586 -18.38 -19.25 -16.71
N ASP A 587 -19.26 -20.09 -17.24
CA ASP A 587 -20.68 -19.77 -17.26
C ASP A 587 -21.26 -19.37 -15.90
N SER A 588 -20.88 -20.09 -14.84
CA SER A 588 -21.39 -19.79 -13.51
C SER A 588 -20.98 -18.39 -13.04
N LEU A 589 -19.75 -18.00 -13.34
CA LEU A 589 -19.29 -16.68 -12.91
C LEU A 589 -20.02 -15.57 -13.68
N PHE A 590 -20.17 -15.74 -14.99
CA PHE A 590 -20.90 -14.74 -15.75
C PHE A 590 -22.38 -14.66 -15.32
N SER A 591 -22.97 -15.81 -14.98
CA SER A 591 -24.35 -15.84 -14.46
C SER A 591 -24.46 -15.09 -13.13
N ALA A 592 -23.51 -15.33 -12.23
CA ALA A 592 -23.46 -14.62 -10.95
C ALA A 592 -23.38 -13.10 -11.15
N VAL A 593 -22.50 -12.68 -12.07
CA VAL A 593 -22.31 -11.27 -12.39
C VAL A 593 -23.57 -10.65 -12.98
N LYS A 594 -24.23 -11.36 -13.88
CA LYS A 594 -25.50 -10.91 -14.43
C LYS A 594 -26.54 -10.74 -13.33
N ASN A 595 -26.62 -11.71 -12.43
CA ASN A 595 -27.54 -11.65 -11.33
C ASN A 595 -27.24 -10.46 -10.41
N PHE A 596 -25.94 -10.26 -10.10
CA PHE A 596 -25.53 -9.14 -9.31
C PHE A 596 -26.00 -7.84 -9.95
N THR A 597 -25.84 -7.75 -11.27
CA THR A 597 -26.20 -6.54 -12.02
C THR A 597 -27.70 -6.26 -11.88
N GLU A 598 -28.51 -7.31 -12.08
CA GLU A 598 -29.97 -7.20 -11.97
C GLU A 598 -30.46 -6.85 -10.56
N ILE A 599 -29.92 -7.54 -9.57
CA ILE A 599 -30.32 -7.32 -8.18
C ILE A 599 -29.89 -5.94 -7.70
N ALA A 600 -28.68 -5.52 -8.06
CA ALA A 600 -28.19 -4.17 -7.73
C ALA A 600 -29.08 -3.09 -8.32
N SER A 601 -29.48 -3.25 -9.59
CA SER A 601 -30.37 -2.27 -10.21
C SER A 601 -31.70 -2.17 -9.44
N LYS A 602 -32.27 -3.31 -9.06
CA LYS A 602 -33.51 -3.31 -8.30
C LYS A 602 -33.34 -2.70 -6.88
N PHE A 603 -32.22 -3.02 -6.22
CA PHE A 603 -31.91 -2.41 -4.95
C PHE A 603 -31.82 -0.89 -5.04
N SER A 604 -31.16 -0.40 -6.10
CA SER A 604 -31.00 1.07 -6.30
C SER A 604 -32.34 1.75 -6.47
N GLU A 605 -33.28 1.10 -7.19
CA GLU A 605 -34.65 1.60 -7.34
C GLU A 605 -35.34 1.71 -5.98
N ARG A 606 -35.23 0.66 -5.15
CA ARG A 606 -35.81 0.71 -3.81
C ARG A 606 -35.18 1.78 -2.93
N LEU A 607 -33.87 1.97 -3.06
CA LEU A 607 -33.12 2.93 -2.26
C LEU A 607 -33.58 4.34 -2.54
N GLN A 608 -33.99 4.60 -3.77
CA GLN A 608 -34.51 5.92 -4.06
C GLN A 608 -36.04 6.03 -3.99
N ASP A 609 -36.73 4.86 -4.05
CA ASP A 609 -38.20 4.80 -3.92
C ASP A 609 -38.71 4.53 -2.51
N PHE A 610 -37.80 4.21 -1.59
N PHE A 610 -37.87 4.09 -1.57
CA PHE A 610 -38.21 3.75 -0.27
CA PHE A 610 -38.36 3.76 -0.21
C PHE A 610 -38.69 4.88 0.55
C PHE A 610 -38.46 5.07 0.53
N ASP A 611 -39.65 4.46 1.35
N ASP A 611 -37.74 5.16 1.63
CA ASP A 611 -40.31 5.35 2.25
CA ASP A 611 -37.57 6.46 2.22
C ASP A 611 -39.25 6.16 3.10
C ASP A 611 -38.89 6.78 2.95
N LYS A 612 -39.04 7.43 2.73
N LYS A 612 -38.81 7.32 4.17
CA LYS A 612 -37.99 8.33 3.30
CA LYS A 612 -40.02 7.84 4.88
C LYS A 612 -38.10 8.55 4.80
C LYS A 612 -39.69 8.56 6.23
N SER A 613 -39.37 8.68 5.25
N SER A 613 -38.39 8.78 6.57
CA SER A 613 -39.72 8.77 6.68
CA SER A 613 -37.96 9.29 7.93
C SER A 613 -39.48 7.49 7.57
C SER A 613 -38.21 8.18 8.98
N ASN A 614 -39.08 6.34 7.01
N ASN A 614 -38.11 6.96 8.52
CA ASN A 614 -38.99 5.13 7.85
CA ASN A 614 -38.49 5.82 9.34
C ASN A 614 -37.56 4.77 8.17
C ASN A 614 -37.21 5.21 9.87
N PRO A 615 -37.15 4.98 9.44
N PRO A 615 -36.86 5.48 11.14
CA PRO A 615 -35.76 4.85 9.82
CA PRO A 615 -35.53 5.08 11.62
C PRO A 615 -35.28 3.40 9.83
C PRO A 615 -35.12 3.63 11.33
N ILE A 616 -36.18 2.44 10.05
N ILE A 616 -36.02 2.68 11.53
CA ILE A 616 -35.80 1.03 10.04
CA ILE A 616 -35.61 1.29 11.38
C ILE A 616 -35.55 0.59 8.62
C ILE A 616 -35.49 0.86 9.92
N VAL A 617 -36.40 1.03 7.69
N VAL A 617 -36.35 1.40 9.06
CA VAL A 617 -36.15 0.74 6.29
CA VAL A 617 -36.29 1.07 7.64
C VAL A 617 -34.82 1.39 5.92
C VAL A 617 -35.01 1.61 6.97
N LEU A 618 -34.61 2.62 6.39
N LEU A 618 -34.62 2.84 7.31
CA LEU A 618 -33.31 3.30 6.22
CA LEU A 618 -33.44 3.44 6.69
C LEU A 618 -32.15 2.53 6.84
C LEU A 618 -32.23 2.63 7.08
N ARG A 619 -32.25 2.19 8.12
N ARG A 619 -32.23 2.19 8.33
CA ARG A 619 -31.14 1.44 8.75
CA ARG A 619 -31.12 1.40 8.85
C ARG A 619 -30.94 0.09 8.07
C ARG A 619 -30.95 0.08 8.10
N MET A 620 -32.04 -0.59 7.72
CA MET A 620 -31.95 -1.87 6.97
C MET A 620 -31.24 -1.66 5.63
N MET A 621 -31.60 -0.61 4.89
CA MET A 621 -30.95 -0.36 3.61
C MET A 621 -29.48 0.08 3.81
N ASN A 622 -29.21 0.90 4.83
CA ASN A 622 -27.83 1.28 5.15
C ASN A 622 -27.01 0.05 5.54
N ASP A 623 -27.61 -0.87 6.29
CA ASP A 623 -26.89 -2.11 6.63
C ASP A 623 -26.61 -2.95 5.36
N GLN A 624 -27.56 -3.02 4.43
CA GLN A 624 -27.31 -3.70 3.15
C GLN A 624 -26.14 -3.07 2.40
N LEU A 625 -26.07 -1.75 2.38
CA LEU A 625 -24.94 -1.05 1.76
C LEU A 625 -23.61 -1.31 2.48
N MET A 626 -23.65 -1.24 3.81
N MET A 626 -23.60 -1.25 3.81
CA MET A 626 -22.46 -1.43 4.67
CA MET A 626 -22.36 -1.44 4.56
C MET A 626 -21.90 -2.83 4.52
C MET A 626 -21.86 -2.86 4.62
N PHE A 627 -22.78 -3.83 4.58
CA PHE A 627 -22.37 -5.23 4.54
C PHE A 627 -22.13 -5.76 3.13
N LEU A 628 -22.33 -4.94 2.09
CA LEU A 628 -22.04 -5.40 0.73
C LEU A 628 -20.55 -5.70 0.52
N GLU A 629 -19.66 -4.79 0.89
CA GLU A 629 -18.24 -5.09 0.84
C GLU A 629 -17.92 -6.33 1.66
N ARG A 630 -18.58 -6.43 2.80
CA ARG A 630 -18.35 -7.53 3.72
C ARG A 630 -18.69 -8.88 3.09
N ALA A 631 -19.67 -8.88 2.19
CA ALA A 631 -20.12 -10.12 1.56
C ALA A 631 -19.09 -10.73 0.65
N PHE A 632 -18.08 -9.96 0.22
CA PHE A 632 -17.03 -10.51 -0.62
C PHE A 632 -15.95 -11.26 0.16
N ILE A 633 -16.04 -11.25 1.48
CA ILE A 633 -15.10 -12.00 2.33
C ILE A 633 -15.44 -13.49 2.37
N ASP A 634 -14.43 -14.31 2.17
CA ASP A 634 -14.52 -15.75 2.36
C ASP A 634 -13.80 -16.07 3.65
N PRO A 635 -14.51 -16.63 4.64
CA PRO A 635 -13.82 -16.86 5.91
C PRO A 635 -12.66 -17.85 5.80
N LEU A 636 -12.63 -18.67 4.75
CA LEU A 636 -11.50 -19.61 4.58
C LEU A 636 -10.25 -18.98 3.97
N GLY A 637 -10.36 -17.75 3.51
CA GLY A 637 -9.24 -17.06 2.87
C GLY A 637 -8.88 -17.58 1.51
N LEU A 638 -7.86 -16.98 0.90
CA LEU A 638 -7.30 -17.48 -0.33
C LEU A 638 -6.24 -18.55 -0.07
N PRO A 639 -5.93 -19.39 -1.09
CA PRO A 639 -4.98 -20.48 -0.85
C PRO A 639 -3.60 -20.04 -0.28
N ASP A 640 -3.27 -20.60 0.88
CA ASP A 640 -2.06 -20.31 1.63
C ASP A 640 -1.90 -18.87 2.04
N ARG A 641 -2.98 -18.09 1.95
CA ARG A 641 -2.97 -16.68 2.35
C ARG A 641 -4.28 -16.43 3.18
N PRO A 642 -4.30 -16.96 4.40
CA PRO A 642 -5.54 -16.92 5.18
C PRO A 642 -6.03 -15.54 5.55
N PHE A 643 -5.15 -14.53 5.54
CA PHE A 643 -5.56 -13.18 5.88
C PHE A 643 -5.97 -12.32 4.68
N TYR A 644 -5.89 -12.87 3.47
CA TYR A 644 -6.46 -12.23 2.29
C TYR A 644 -7.73 -12.97 2.02
N ARG A 645 -8.84 -12.38 2.48
N ARG A 645 -8.84 -12.39 2.51
CA ARG A 645 -10.14 -13.05 2.46
CA ARG A 645 -10.15 -13.04 2.49
C ARG A 645 -11.12 -12.49 1.43
C ARG A 645 -11.11 -12.49 1.44
N HIS A 646 -10.78 -11.35 0.83
CA HIS A 646 -11.66 -10.73 -0.17
C HIS A 646 -11.50 -11.54 -1.49
N VAL A 647 -12.60 -11.99 -2.05
CA VAL A 647 -12.58 -12.86 -3.21
C VAL A 647 -12.39 -12.07 -4.51
N ILE A 648 -12.75 -10.79 -4.51
CA ILE A 648 -12.63 -9.96 -5.70
C ILE A 648 -11.25 -9.37 -5.83
N TYR A 649 -10.67 -8.94 -4.71
CA TYR A 649 -9.41 -8.20 -4.71
C TYR A 649 -8.41 -8.76 -3.72
N ALA A 650 -7.19 -9.03 -4.15
CA ALA A 650 -6.07 -9.29 -3.22
C ALA A 650 -4.84 -8.63 -3.79
N PRO A 651 -3.85 -8.38 -2.94
CA PRO A 651 -2.58 -7.97 -3.47
C PRO A 651 -2.00 -9.04 -4.37
N SER A 652 -1.41 -8.62 -5.46
CA SER A 652 -0.78 -9.55 -6.39
C SER A 652 0.26 -10.42 -5.69
N SER A 653 0.22 -11.72 -5.96
N SER A 653 0.23 -11.73 -5.94
CA SER A 653 1.21 -12.66 -5.42
CA SER A 653 1.24 -12.62 -5.37
C SER A 653 2.64 -12.34 -5.89
C SER A 653 2.65 -12.36 -5.92
N HIS A 654 2.74 -11.56 -6.97
CA HIS A 654 4.03 -11.11 -7.57
C HIS A 654 4.44 -9.70 -7.20
N ASN A 655 3.53 -8.93 -6.58
CA ASN A 655 3.81 -7.53 -6.28
C ASN A 655 2.77 -7.02 -5.33
N LYS A 656 3.10 -6.99 -4.05
CA LYS A 656 2.16 -6.57 -3.02
C LYS A 656 1.51 -5.21 -3.28
N TYR A 657 2.19 -4.31 -3.98
CA TYR A 657 1.63 -3.01 -4.27
C TYR A 657 0.46 -3.01 -5.24
N ALA A 658 0.36 -4.02 -6.11
CA ALA A 658 -0.61 -4.04 -7.18
C ALA A 658 -1.83 -4.86 -6.75
N GLY A 659 -3.01 -4.35 -7.03
CA GLY A 659 -4.23 -5.14 -6.79
C GLY A 659 -4.44 -6.13 -7.93
N GLU A 660 -4.94 -7.30 -7.61
CA GLU A 660 -5.30 -8.30 -8.61
C GLU A 660 -6.77 -8.56 -8.44
N SER A 661 -7.51 -8.68 -9.56
CA SER A 661 -8.91 -9.04 -9.49
C SER A 661 -9.08 -10.55 -9.66
N PHE A 662 -10.15 -11.09 -9.06
CA PHE A 662 -10.37 -12.56 -8.96
C PHE A 662 -9.05 -13.28 -8.72
N PRO A 663 -8.35 -12.91 -7.63
CA PRO A 663 -7.02 -13.43 -7.38
C PRO A 663 -6.93 -14.94 -7.26
N GLY A 664 -7.97 -15.59 -6.74
CA GLY A 664 -7.92 -17.05 -6.60
C GLY A 664 -7.82 -17.70 -7.97
N ILE A 665 -8.63 -17.21 -8.91
CA ILE A 665 -8.62 -17.76 -10.27
C ILE A 665 -7.32 -17.34 -10.96
N TYR A 666 -6.93 -16.08 -10.80
CA TYR A 666 -5.72 -15.61 -11.46
C TYR A 666 -4.51 -16.47 -11.07
N ASP A 667 -4.32 -16.69 -9.76
CA ASP A 667 -3.16 -17.48 -9.30
C ASP A 667 -3.27 -18.95 -9.73
N ALA A 668 -4.49 -19.49 -9.82
CA ALA A 668 -4.63 -20.86 -10.36
C ALA A 668 -4.25 -20.98 -11.83
N LEU A 669 -4.49 -19.93 -12.60
CA LEU A 669 -4.11 -19.88 -14.03
C LEU A 669 -2.67 -19.52 -14.29
N PHE A 670 -2.02 -18.86 -13.33
CA PHE A 670 -0.70 -18.28 -13.61
C PHE A 670 0.33 -19.37 -13.89
N ASP A 671 1.03 -19.23 -15.02
CA ASP A 671 2.06 -20.18 -15.44
C ASP A 671 1.55 -21.63 -15.47
N ILE A 672 0.27 -21.83 -15.79
CA ILE A 672 -0.34 -23.15 -15.65
C ILE A 672 0.25 -24.17 -16.62
N GLU A 673 0.71 -23.68 -17.78
CA GLU A 673 1.36 -24.53 -18.78
C GLU A 673 2.65 -25.22 -18.30
N SER A 674 3.24 -24.73 -17.21
N SER A 674 3.26 -24.71 -17.23
CA SER A 674 4.44 -25.32 -16.63
CA SER A 674 4.44 -25.32 -16.62
C SER A 674 4.16 -26.32 -15.50
C SER A 674 4.15 -26.41 -15.59
N LYS A 675 2.88 -26.55 -15.18
CA LYS A 675 2.53 -27.45 -14.08
C LYS A 675 2.57 -28.89 -14.59
N VAL A 676 3.16 -29.77 -13.78
CA VAL A 676 3.42 -31.14 -14.23
C VAL A 676 2.15 -31.99 -14.28
N ASP A 677 1.15 -31.65 -13.47
CA ASP A 677 -0.13 -32.38 -13.42
C ASP A 677 -1.27 -31.46 -13.89
N PRO A 678 -1.50 -31.39 -15.21
CA PRO A 678 -2.49 -30.44 -15.71
C PRO A 678 -3.92 -30.72 -15.23
N SER A 679 -4.25 -31.97 -15.00
CA SER A 679 -5.58 -32.32 -14.50
C SER A 679 -5.83 -31.69 -13.13
N LYS A 680 -4.85 -31.83 -12.24
CA LYS A 680 -4.89 -31.20 -10.94
C LYS A 680 -4.93 -29.67 -11.06
N ALA A 681 -4.09 -29.10 -11.94
CA ALA A 681 -3.99 -27.64 -12.06
C ALA A 681 -5.31 -27.05 -12.55
N TRP A 682 -5.87 -27.66 -13.59
CA TRP A 682 -7.15 -27.19 -14.15
C TRP A 682 -8.33 -27.46 -13.22
N GLY A 683 -8.22 -28.51 -12.40
CA GLY A 683 -9.23 -28.79 -11.36
C GLY A 683 -9.29 -27.65 -10.36
N GLU A 684 -8.11 -27.13 -10.01
CA GLU A 684 -8.03 -25.99 -9.09
C GLU A 684 -8.55 -24.72 -9.74
N VAL A 685 -8.33 -24.53 -11.04
CA VAL A 685 -8.97 -23.41 -11.74
C VAL A 685 -10.49 -23.50 -11.61
N LYS A 686 -11.04 -24.67 -11.88
N LYS A 686 -11.04 -24.68 -11.90
CA LYS A 686 -12.48 -24.87 -11.76
CA LYS A 686 -12.48 -24.89 -11.75
C LYS A 686 -12.98 -24.63 -10.32
C LYS A 686 -12.97 -24.64 -10.32
N ARG A 687 -12.21 -25.09 -9.31
CA ARG A 687 -12.58 -24.84 -7.93
C ARG A 687 -12.66 -23.33 -7.65
N GLN A 688 -11.69 -22.58 -8.15
CA GLN A 688 -11.68 -21.14 -7.92
C GLN A 688 -12.80 -20.42 -8.68
N ILE A 689 -13.16 -20.92 -9.86
CA ILE A 689 -14.31 -20.37 -10.56
C ILE A 689 -15.59 -20.53 -9.71
N TYR A 690 -15.80 -21.73 -9.18
CA TYR A 690 -16.92 -22.03 -8.28
C TYR A 690 -16.92 -21.12 -7.08
N VAL A 691 -15.77 -20.95 -6.43
CA VAL A 691 -15.72 -20.08 -5.25
C VAL A 691 -16.11 -18.64 -5.61
N ALA A 692 -15.58 -18.14 -6.72
CA ALA A 692 -15.84 -16.79 -7.16
C ALA A 692 -17.30 -16.60 -7.55
N ALA A 693 -17.85 -17.53 -8.32
CA ALA A 693 -19.25 -17.42 -8.73
C ALA A 693 -20.21 -17.46 -7.52
N PHE A 694 -19.93 -18.37 -6.59
CA PHE A 694 -20.71 -18.46 -5.39
C PHE A 694 -20.65 -17.16 -4.60
N THR A 695 -19.44 -16.60 -4.45
CA THR A 695 -19.28 -15.39 -3.63
C THR A 695 -20.00 -14.23 -4.25
N VAL A 696 -19.90 -14.10 -5.59
CA VAL A 696 -20.60 -13.01 -6.27
C VAL A 696 -22.09 -13.13 -6.10
N GLN A 697 -22.62 -14.34 -6.29
CA GLN A 697 -24.05 -14.57 -6.10
C GLN A 697 -24.48 -14.31 -4.65
N ALA A 698 -23.67 -14.75 -3.69
CA ALA A 698 -23.99 -14.56 -2.29
C ALA A 698 -24.04 -13.06 -1.95
N ALA A 699 -23.09 -12.31 -2.50
CA ALA A 699 -23.05 -10.87 -2.31
C ALA A 699 -24.27 -10.24 -2.91
N ALA A 700 -24.62 -10.63 -4.13
CA ALA A 700 -25.83 -10.14 -4.78
C ALA A 700 -27.07 -10.36 -3.90
N GLU A 701 -27.17 -11.56 -3.32
CA GLU A 701 -28.32 -11.90 -2.50
C GLU A 701 -28.46 -11.09 -1.23
N THR A 702 -27.39 -10.46 -0.76
CA THR A 702 -27.51 -9.56 0.38
C THR A 702 -28.25 -8.27 0.03
N LEU A 703 -28.40 -7.98 -1.27
CA LEU A 703 -29.13 -6.81 -1.76
C LEU A 703 -30.56 -7.12 -2.19
N SER A 704 -30.92 -8.40 -2.21
CA SER A 704 -32.33 -8.77 -2.42
C SER A 704 -33.22 -8.28 -1.25
N GLU A 705 -34.53 -8.20 -1.48
N GLU A 705 -34.52 -8.21 -1.48
CA GLU A 705 -35.46 -7.98 -0.37
CA GLU A 705 -35.46 -7.99 -0.39
C GLU A 705 -35.17 -9.00 0.74
C GLU A 705 -35.18 -9.01 0.74
N VAL A 706 -35.18 -8.52 1.97
CA VAL A 706 -34.65 -9.29 3.10
C VAL A 706 -35.59 -10.41 3.58
N ALA A 707 -36.85 -10.33 3.19
CA ALA A 707 -37.84 -11.34 3.55
C ALA A 707 -39.06 -11.13 2.67
#